data_6TRO
#
_entry.id   6TRO
#
_cell.length_a   220.040
_cell.length_b   220.040
_cell.length_c   96.830
_cell.angle_alpha   90.000
_cell.angle_beta   90.000
_cell.angle_gamma   120.000
#
_symmetry.space_group_name_H-M   'P 64 2 2'
#
loop_
_entity.id
_entity.type
_entity.pdbx_description
1 polymer 'MHC class I antigen'
2 polymer Beta-2-microglobulin
3 polymer 'MAGE-A4 peptide (amino acids 230-239)'
4 polymer 'T-cell receptor alpha chain'
5 polymer 'T-cell receptor beta chain'
6 water water
#
loop_
_entity_poly.entity_id
_entity_poly.type
_entity_poly.pdbx_seq_one_letter_code
_entity_poly.pdbx_strand_id
1 'polypeptide(L)'
;GSHSMRYFFTSVSRPGRGEPRFIAVGYVDDTQFVRFDSDAASQRMEPRAPWIEQEGPEYWDGETRKVKAHSQTHRVDLGT
LRGYYNQSEAGSHTVQRMYGCDVGSDWRFLRGYHQYAYDGKDYIALKEDLRSWTAADMAAQTTKHKWEAAHVAEQLRAYL
EGTCVEWLRRYLENGKETLQRTDAPKTHMTHHAVSDHEATLRCWALSFYPAEITLTWQRDGEDQTQDTELVETRPAGDGT
FQKWAAVVVPSGQEQRYTCHVQHEGLPKPLTLRWEP
;
A
2 'polypeptide(L)'
;MIQRTPKIQVYSRHPAENGKSNFLNCYVSGFHPSDIEVDLLKNGERIEKVEHSDLSFSKDWSFYLLYYTEFTPTEKDEYA
CRVNHVTLSQPKIVKWDRDM
;
B
3 'polypeptide(L)' GVYDGREHTV C
4 'polypeptide(L)'
;MKNQVEQSPQSLIILEGKNVTLQCNYTVSPFSNLRWYKQDTGRGPVSLTIMTFSENTKSNGRYTATLDADTKQSSLHITA
SQLSDSASYICVVNHSGGSYIPTFGRGTSLIVHPYIQKPDPAVYQLRDSKSSDKSVCLFTDFDSQTNVSQSKDSDVYITD
KCVLDMRSMDFKSNSAVAWSNKSDFACANAFNNSIIPEDTFFPSPESS
;
D
5 'polypeptide(L)'
;MDVKVTQSSRYLVKRTGEKVFLECVQDMDHENMFWYRQDPGLGLRLIYFSYDVKMKEKGDIPEGYSVSREKKERFSLILE
SASTNQTSMYLCASSFLMTSGDPYEQYFGPGTRLTVTEDLKNVFPPEVAVFEPSEAEISHTQKATLVCLATGFYPDHVEL
SWWVNGKEVHSGVCTDPQPLKEQPALNDSRYALSSRLRVSATFWQDPRNHFRCQVQFYGLSENDEWTQDRAKPVTQIVSA
EAWGRAD
;
E
#
# COMPACT_ATOMS: atom_id res chain seq x y z
N SER A 2 8.89 -2.37 27.33
CA SER A 2 8.20 -3.08 26.20
C SER A 2 6.75 -2.60 26.09
N HIS A 3 6.26 -2.44 24.84
CA HIS A 3 4.86 -2.04 24.52
C HIS A 3 4.25 -3.06 23.54
N SER A 4 2.95 -2.95 23.30
CA SER A 4 2.20 -3.79 22.32
C SER A 4 0.98 -3.04 21.79
N MET A 5 0.57 -3.36 20.56
CA MET A 5 -0.70 -2.92 19.94
C MET A 5 -1.54 -4.16 19.67
N ARG A 6 -2.82 -4.12 20.06
CA ARG A 6 -3.76 -5.26 19.93
C ARG A 6 -5.12 -4.74 19.48
N TYR A 7 -5.74 -5.43 18.53
CA TYR A 7 -7.12 -5.17 18.04
C TYR A 7 -8.01 -6.35 18.44
N PHE A 8 -9.19 -6.05 18.99
CA PHE A 8 -10.20 -7.03 19.46
C PHE A 8 -11.48 -6.86 18.64
N PHE A 9 -11.88 -7.91 17.90
CA PHE A 9 -13.07 -7.92 17.02
C PHE A 9 -14.07 -8.96 17.51
N THR A 10 -15.28 -8.50 17.86
CA THR A 10 -16.42 -9.37 18.27
C THR A 10 -17.56 -9.14 17.28
N SER A 11 -18.09 -10.23 16.70
CA SER A 11 -19.24 -10.23 15.76
C SER A 11 -20.24 -11.29 16.22
N VAL A 12 -21.46 -10.87 16.55
CA VAL A 12 -22.54 -11.75 17.13
C VAL A 12 -23.69 -11.84 16.11
N SER A 13 -24.01 -13.05 15.65
CA SER A 13 -25.12 -13.31 14.69
C SER A 13 -26.46 -13.11 15.41
N ARG A 14 -27.43 -12.50 14.72
CA ARG A 14 -28.80 -12.24 15.23
C ARG A 14 -29.80 -13.05 14.41
N PRO A 15 -30.61 -13.92 15.03
CA PRO A 15 -31.55 -14.75 14.29
C PRO A 15 -32.60 -13.91 13.54
N GLY A 16 -32.96 -14.35 12.33
CA GLY A 16 -33.94 -13.68 11.45
C GLY A 16 -33.52 -12.26 11.15
N ARG A 17 -34.43 -11.30 11.32
CA ARG A 17 -34.21 -9.86 11.00
C ARG A 17 -33.05 -9.33 11.85
N GLY A 18 -32.13 -8.61 11.21
CA GLY A 18 -30.89 -8.07 11.82
C GLY A 18 -29.65 -8.67 11.19
N GLU A 19 -28.71 -7.83 10.78
CA GLU A 19 -27.31 -8.21 10.44
C GLU A 19 -26.54 -8.43 11.74
N PRO A 20 -25.40 -9.16 11.72
CA PRO A 20 -24.63 -9.39 12.94
C PRO A 20 -24.15 -8.08 13.59
N ARG A 21 -24.35 -7.97 14.90
CA ARG A 21 -23.69 -6.95 15.76
C ARG A 21 -22.17 -7.16 15.64
N PHE A 22 -21.44 -6.12 15.24
CA PHE A 22 -19.96 -6.14 15.08
C PHE A 22 -19.34 -4.99 15.87
N ILE A 23 -18.49 -5.31 16.83
CA ILE A 23 -17.75 -4.33 17.66
C ILE A 23 -16.25 -4.62 17.50
N ALA A 24 -15.47 -3.57 17.24
CA ALA A 24 -14.00 -3.60 17.09
C ALA A 24 -13.40 -2.54 18.01
N VAL A 25 -12.28 -2.85 18.67
CA VAL A 25 -11.55 -1.91 19.57
C VAL A 25 -10.05 -2.16 19.42
N GLY A 26 -9.27 -1.07 19.37
CA GLY A 26 -7.80 -1.09 19.34
C GLY A 26 -7.23 -0.57 20.66
N TYR A 27 -6.25 -1.28 21.22
CA TYR A 27 -5.51 -0.91 22.44
C TYR A 27 -4.03 -0.74 22.11
N VAL A 28 -3.42 0.35 22.60
CA VAL A 28 -1.95 0.47 22.82
C VAL A 28 -1.72 0.30 24.32
N ASP A 29 -0.96 -0.74 24.71
CA ASP A 29 -0.76 -1.15 26.13
C ASP A 29 -2.15 -1.32 26.75
N ASP A 30 -2.50 -0.53 27.77
CA ASP A 30 -3.78 -0.63 28.52
C ASP A 30 -4.66 0.59 28.20
N THR A 31 -4.42 1.25 27.06
CA THR A 31 -5.15 2.47 26.61
C THR A 31 -5.90 2.18 25.30
N GLN A 32 -7.23 2.18 25.35
CA GLN A 32 -8.13 2.12 24.17
C GLN A 32 -7.98 3.44 23.39
N PHE A 33 -7.79 3.37 22.06
CA PHE A 33 -7.63 4.56 21.20
C PHE A 33 -8.69 4.61 20.09
N VAL A 34 -9.26 3.47 19.65
CA VAL A 34 -10.32 3.46 18.59
C VAL A 34 -11.41 2.44 18.93
N ARG A 35 -12.61 2.69 18.40
CA ARG A 35 -13.78 1.76 18.40
C ARG A 35 -14.46 1.84 17.03
N PHE A 36 -15.11 0.75 16.62
CA PHE A 36 -16.16 0.74 15.57
C PHE A 36 -17.33 -0.12 16.04
N ASP A 37 -18.52 0.46 16.09
CA ASP A 37 -19.78 -0.25 16.44
C ASP A 37 -20.67 -0.29 15.18
N SER A 38 -21.12 -1.48 14.79
CA SER A 38 -21.99 -1.69 13.60
C SER A 38 -23.38 -1.08 13.83
N ASP A 39 -23.78 -0.88 15.10
CA ASP A 39 -25.08 -0.27 15.49
C ASP A 39 -24.93 1.23 15.72
N ALA A 40 -23.72 1.80 15.59
CA ALA A 40 -23.45 3.25 15.74
C ALA A 40 -24.10 4.01 14.59
N ALA A 41 -24.55 5.24 14.85
CA ALA A 41 -25.20 6.14 13.87
C ALA A 41 -24.18 6.57 12.81
N SER A 42 -22.92 6.74 13.21
CA SER A 42 -21.80 7.25 12.38
C SER A 42 -21.46 6.26 11.25
N GLN A 43 -21.37 4.96 11.57
CA GLN A 43 -20.82 3.92 10.67
C GLN A 43 -19.38 4.31 10.34
N ARG A 44 -18.63 4.74 11.35
CA ARG A 44 -17.24 5.28 11.25
C ARG A 44 -16.41 4.74 12.41
N MET A 45 -15.11 4.53 12.18
CA MET A 45 -14.11 4.32 13.26
C MET A 45 -14.05 5.62 14.07
N GLU A 46 -14.04 5.52 15.41
CA GLU A 46 -14.13 6.69 16.32
C GLU A 46 -12.96 6.68 17.31
N PRO A 47 -12.44 7.86 17.70
CA PRO A 47 -11.36 7.94 18.68
C PRO A 47 -11.86 7.73 20.11
N ARG A 48 -10.99 7.29 21.02
CA ARG A 48 -11.29 7.10 22.46
C ARG A 48 -10.31 7.94 23.29
N ALA A 49 -9.01 7.75 23.09
CA ALA A 49 -7.93 8.60 23.64
C ALA A 49 -7.94 9.95 22.92
N PRO A 50 -7.42 11.02 23.55
CA PRO A 50 -7.38 12.34 22.91
C PRO A 50 -6.28 12.47 21.84
N TRP A 51 -5.21 11.68 21.95
CA TRP A 51 -3.97 11.81 21.12
C TRP A 51 -4.21 11.33 19.69
N ILE A 52 -5.03 10.31 19.48
CA ILE A 52 -5.36 9.75 18.12
C ILE A 52 -6.20 10.78 17.34
N GLU A 53 -6.93 11.68 18.02
CA GLU A 53 -7.79 12.71 17.38
C GLU A 53 -6.93 13.57 16.43
N GLN A 54 -5.63 13.69 16.71
CA GLN A 54 -4.63 14.41 15.88
C GLN A 54 -4.71 13.93 14.42
N GLU A 55 -4.94 12.63 14.21
CA GLU A 55 -4.95 11.97 12.88
C GLU A 55 -5.90 12.72 11.94
N GLY A 56 -5.49 12.89 10.68
CA GLY A 56 -6.26 13.62 9.65
C GLY A 56 -7.40 12.79 9.09
N PRO A 57 -8.24 13.35 8.19
CA PRO A 57 -9.36 12.62 7.61
C PRO A 57 -8.94 11.30 6.95
N GLU A 58 -7.77 11.27 6.31
CA GLU A 58 -7.26 10.13 5.49
C GLU A 58 -7.20 8.86 6.37
N TYR A 59 -6.83 9.00 7.64
CA TYR A 59 -6.70 7.87 8.61
C TYR A 59 -8.08 7.30 8.91
N TRP A 60 -9.05 8.16 9.24
CA TRP A 60 -10.42 7.78 9.68
C TRP A 60 -11.19 7.13 8.54
N ASP A 61 -11.04 7.65 7.31
CA ASP A 61 -11.62 7.03 6.08
C ASP A 61 -11.02 5.64 5.91
N GLY A 62 -9.69 5.54 5.95
CA GLY A 62 -8.94 4.29 5.68
C GLY A 62 -9.20 3.23 6.75
N GLU A 63 -9.27 3.65 8.02
CA GLU A 63 -9.49 2.75 9.17
C GLU A 63 -10.95 2.24 9.13
N THR A 64 -11.90 3.14 8.83
CA THR A 64 -13.33 2.81 8.64
C THR A 64 -13.47 1.78 7.51
N ARG A 65 -12.82 2.03 6.39
CA ARG A 65 -12.87 1.12 5.20
C ARG A 65 -12.39 -0.26 5.64
N LYS A 66 -11.15 -0.35 6.14
CA LYS A 66 -10.51 -1.64 6.53
C LYS A 66 -11.40 -2.37 7.54
N VAL A 67 -11.88 -1.66 8.58
CA VAL A 67 -12.59 -2.26 9.75
C VAL A 67 -13.97 -2.75 9.30
N LYS A 68 -14.55 -2.15 8.26
CA LYS A 68 -15.82 -2.60 7.65
C LYS A 68 -15.59 -3.91 6.88
N ALA A 69 -14.42 -4.10 6.28
CA ALA A 69 -14.03 -5.33 5.56
C ALA A 69 -13.93 -6.49 6.57
N HIS A 70 -13.32 -6.24 7.73
CA HIS A 70 -13.27 -7.18 8.88
C HIS A 70 -14.69 -7.60 9.25
N SER A 71 -15.61 -6.64 9.39
CA SER A 71 -17.02 -6.86 9.80
C SER A 71 -17.73 -7.73 8.75
N GLN A 72 -17.43 -7.52 7.47
CA GLN A 72 -18.00 -8.31 6.34
C GLN A 72 -17.36 -9.71 6.33
N THR A 73 -16.05 -9.79 6.56
CA THR A 73 -15.31 -11.07 6.65
C THR A 73 -15.98 -11.96 7.70
N HIS A 74 -16.32 -11.39 8.87
CA HIS A 74 -16.94 -12.09 10.02
C HIS A 74 -18.37 -12.51 9.69
N ARG A 75 -19.16 -11.61 9.12
CA ARG A 75 -20.55 -11.86 8.65
C ARG A 75 -20.56 -13.17 7.86
N VAL A 76 -19.61 -13.34 6.94
CA VAL A 76 -19.47 -14.54 6.06
C VAL A 76 -18.98 -15.72 6.90
N ASP A 77 -18.03 -15.47 7.81
CA ASP A 77 -17.45 -16.51 8.72
C ASP A 77 -18.57 -17.15 9.56
N LEU A 78 -19.40 -16.32 10.21
CA LEU A 78 -20.55 -16.77 11.04
C LEU A 78 -21.37 -17.80 10.24
N GLY A 79 -21.68 -17.47 8.98
CA GLY A 79 -22.38 -18.36 8.04
C GLY A 79 -21.62 -19.66 7.84
N THR A 80 -20.38 -19.58 7.35
CA THR A 80 -19.52 -20.75 7.02
C THR A 80 -19.47 -21.71 8.20
N LEU A 81 -19.23 -21.19 9.42
CA LEU A 81 -19.03 -21.98 10.67
C LEU A 81 -20.33 -22.72 11.02
N ARG A 82 -21.47 -22.05 10.89
CA ARG A 82 -22.83 -22.66 11.06
C ARG A 82 -22.97 -23.84 10.10
N GLY A 83 -22.47 -23.69 8.85
CA GLY A 83 -22.48 -24.74 7.82
C GLY A 83 -21.53 -25.88 8.12
N TYR A 84 -20.37 -25.57 8.71
CA TYR A 84 -19.30 -26.53 9.10
C TYR A 84 -19.76 -27.38 10.29
N TYR A 85 -20.50 -26.78 11.24
CA TYR A 85 -20.98 -27.43 12.48
C TYR A 85 -22.45 -27.86 12.36
N ASN A 86 -23.08 -27.62 11.18
CA ASN A 86 -24.48 -27.99 10.85
C ASN A 86 -25.42 -27.51 11.97
N GLN A 87 -25.39 -26.21 12.27
CA GLN A 87 -26.19 -25.56 13.35
C GLN A 87 -27.38 -24.83 12.72
N SER A 88 -28.40 -24.51 13.53
CA SER A 88 -29.66 -23.84 13.11
C SER A 88 -29.39 -22.40 12.73
N GLU A 89 -30.26 -21.84 11.86
CA GLU A 89 -30.36 -20.38 11.60
C GLU A 89 -31.01 -19.72 12.83
N ALA A 90 -31.79 -20.49 13.60
CA ALA A 90 -32.42 -20.07 14.88
C ALA A 90 -31.35 -19.65 15.89
N GLY A 91 -30.24 -20.39 15.94
CA GLY A 91 -29.14 -20.18 16.92
C GLY A 91 -28.40 -18.88 16.67
N SER A 92 -28.01 -18.20 17.75
CA SER A 92 -27.09 -17.03 17.76
C SER A 92 -25.68 -17.52 18.14
N HIS A 93 -24.65 -16.96 17.50
CA HIS A 93 -23.23 -17.40 17.64
C HIS A 93 -22.31 -16.19 17.61
N THR A 94 -21.17 -16.29 18.32
CA THR A 94 -20.13 -15.24 18.44
C THR A 94 -18.84 -15.73 17.76
N VAL A 95 -18.25 -14.92 16.87
CA VAL A 95 -16.81 -15.04 16.49
C VAL A 95 -16.05 -13.91 17.22
N GLN A 96 -14.84 -14.22 17.70
CA GLN A 96 -13.88 -13.23 18.24
C GLN A 96 -12.56 -13.39 17.50
N ARG A 97 -12.00 -12.30 17.00
CA ARG A 97 -10.66 -12.21 16.35
C ARG A 97 -9.81 -11.24 17.18
N MET A 98 -8.63 -11.69 17.62
CA MET A 98 -7.61 -10.83 18.26
C MET A 98 -6.30 -10.99 17.49
N TYR A 99 -5.66 -9.89 17.11
CA TYR A 99 -4.27 -9.88 16.58
C TYR A 99 -3.54 -8.62 17.07
N GLY A 100 -2.23 -8.59 16.84
CA GLY A 100 -1.35 -7.51 17.30
C GLY A 100 0.10 -7.95 17.38
N CYS A 101 0.96 -7.05 17.86
CA CYS A 101 2.43 -7.25 17.94
C CYS A 101 2.94 -6.73 19.28
N ASP A 102 3.92 -7.44 19.85
CA ASP A 102 4.76 -6.98 21.00
C ASP A 102 6.09 -6.46 20.45
N VAL A 103 6.57 -5.34 20.98
CA VAL A 103 7.95 -4.82 20.76
C VAL A 103 8.65 -4.76 22.12
N GLY A 104 9.98 -4.85 22.12
CA GLY A 104 10.82 -4.72 23.33
C GLY A 104 10.95 -3.27 23.77
N SER A 105 11.84 -3.00 24.73
CA SER A 105 12.27 -1.64 25.13
C SER A 105 12.85 -0.90 23.93
N ASP A 106 13.51 -1.63 23.02
CA ASP A 106 14.22 -1.10 21.83
C ASP A 106 13.23 -0.84 20.68
N TRP A 107 11.93 -1.10 20.89
CA TRP A 107 10.81 -0.83 19.94
C TRP A 107 10.92 -1.73 18.70
N ARG A 108 11.73 -2.79 18.74
CA ARG A 108 11.86 -3.81 17.65
C ARG A 108 10.85 -4.94 17.90
N PHE A 109 10.51 -5.68 16.85
CA PHE A 109 9.54 -6.80 16.87
C PHE A 109 10.00 -7.86 17.88
N LEU A 110 9.05 -8.36 18.68
CA LEU A 110 9.28 -9.36 19.75
C LEU A 110 8.34 -10.56 19.56
N ARG A 111 7.04 -10.30 19.45
CA ARG A 111 5.99 -11.33 19.20
C ARG A 111 4.90 -10.76 18.30
N GLY A 112 4.34 -11.60 17.42
CA GLY A 112 3.07 -11.39 16.72
C GLY A 112 2.14 -12.55 16.99
N TYR A 113 0.83 -12.32 16.93
CA TYR A 113 -0.21 -13.35 17.23
C TYR A 113 -1.49 -13.01 16.48
N HIS A 114 -2.22 -14.06 16.06
CA HIS A 114 -3.52 -13.97 15.35
C HIS A 114 -4.40 -15.12 15.82
N GLN A 115 -5.21 -14.86 16.85
CA GLN A 115 -6.09 -15.85 17.51
C GLN A 115 -7.53 -15.58 17.06
N TYR A 116 -8.30 -16.66 16.84
CA TYR A 116 -9.69 -16.64 16.30
C TYR A 116 -10.51 -17.69 17.05
N ALA A 117 -11.70 -17.30 17.55
CA ALA A 117 -12.58 -18.11 18.43
C ALA A 117 -14.01 -18.15 17.88
N TYR A 118 -14.73 -19.26 18.14
CA TYR A 118 -16.16 -19.45 17.81
C TYR A 118 -16.91 -19.93 19.05
N ASP A 119 -17.84 -19.11 19.55
CA ASP A 119 -18.66 -19.36 20.77
C ASP A 119 -17.72 -19.55 21.98
N GLY A 120 -16.81 -18.59 22.18
CA GLY A 120 -15.92 -18.50 23.36
C GLY A 120 -14.89 -19.60 23.42
N LYS A 121 -14.65 -20.30 22.30
CA LYS A 121 -13.73 -21.47 22.21
C LYS A 121 -12.71 -21.22 21.08
N ASP A 122 -11.42 -21.41 21.37
CA ASP A 122 -10.29 -21.35 20.41
C ASP A 122 -10.66 -22.15 19.14
N TYR A 123 -10.73 -21.48 18.00
CA TYR A 123 -11.05 -22.10 16.68
C TYR A 123 -9.75 -22.42 15.95
N ILE A 124 -8.98 -21.39 15.58
CA ILE A 124 -7.69 -21.51 14.85
C ILE A 124 -6.76 -20.36 15.28
N ALA A 125 -5.46 -20.63 15.40
CA ALA A 125 -4.44 -19.63 15.79
C ALA A 125 -3.16 -19.83 14.96
N LEU A 126 -2.43 -18.74 14.71
CA LEU A 126 -1.03 -18.75 14.20
C LEU A 126 -0.11 -19.17 15.35
N LYS A 127 0.85 -20.05 15.07
CA LYS A 127 1.92 -20.45 16.03
C LYS A 127 2.88 -19.27 16.20
N GLU A 128 3.86 -19.40 17.10
CA GLU A 128 4.86 -18.34 17.40
C GLU A 128 5.63 -17.99 16.13
N ASP A 129 6.00 -18.98 15.32
CA ASP A 129 6.87 -18.81 14.12
C ASP A 129 6.09 -18.19 12.95
N LEU A 130 4.78 -17.98 13.11
CA LEU A 130 3.91 -17.25 12.15
C LEU A 130 3.95 -17.93 10.77
N ARG A 131 3.84 -19.26 10.73
CA ARG A 131 3.98 -20.05 9.47
C ARG A 131 2.89 -21.14 9.41
N SER A 132 2.89 -22.06 10.37
CA SER A 132 1.86 -23.12 10.49
C SER A 132 0.66 -22.57 11.28
N TRP A 133 -0.47 -23.27 11.22
CA TRP A 133 -1.69 -22.98 12.00
C TRP A 133 -1.94 -24.11 13.01
N THR A 134 -2.73 -23.84 14.04
CA THR A 134 -3.18 -24.83 15.05
C THR A 134 -4.70 -24.79 15.12
N ALA A 135 -5.36 -25.85 14.64
CA ALA A 135 -6.83 -26.02 14.61
C ALA A 135 -7.29 -26.73 15.88
N ALA A 136 -8.56 -26.59 16.25
CA ALA A 136 -9.16 -27.20 17.46
C ALA A 136 -9.97 -28.45 17.08
N ASP A 137 -10.45 -28.53 15.83
CA ASP A 137 -11.37 -29.61 15.37
C ASP A 137 -11.36 -29.70 13.83
N MET A 138 -12.11 -30.66 13.28
CA MET A 138 -12.23 -30.95 11.82
C MET A 138 -12.62 -29.68 11.06
N ALA A 139 -13.50 -28.86 11.61
CA ALA A 139 -14.01 -27.61 10.99
C ALA A 139 -12.86 -26.60 10.85
N ALA A 140 -12.08 -26.41 11.91
CA ALA A 140 -10.90 -25.52 11.94
C ALA A 140 -9.79 -26.10 11.05
N GLN A 141 -9.69 -27.44 10.97
CA GLN A 141 -8.74 -28.15 10.08
C GLN A 141 -9.11 -27.85 8.62
N THR A 142 -10.41 -27.81 8.30
CA THR A 142 -10.93 -27.43 6.96
C THR A 142 -10.42 -26.02 6.61
N THR A 143 -10.56 -25.08 7.55
CA THR A 143 -10.08 -23.68 7.43
C THR A 143 -8.56 -23.66 7.28
N LYS A 144 -7.85 -24.51 8.05
CA LYS A 144 -6.37 -24.61 8.03
C LYS A 144 -5.90 -25.01 6.63
N HIS A 145 -6.49 -26.05 6.03
CA HIS A 145 -6.16 -26.54 4.66
C HIS A 145 -6.40 -25.43 3.64
N LYS A 146 -7.52 -24.71 3.77
CA LYS A 146 -7.90 -23.58 2.88
C LYS A 146 -6.87 -22.46 3.01
N TRP A 147 -6.36 -22.23 4.22
CA TRP A 147 -5.46 -21.11 4.58
C TRP A 147 -4.00 -21.45 4.26
N GLU A 148 -3.64 -22.74 4.31
CA GLU A 148 -2.34 -23.26 3.80
C GLU A 148 -2.23 -22.92 2.31
N ALA A 149 -3.22 -23.34 1.52
CA ALA A 149 -3.24 -23.31 0.04
C ALA A 149 -3.24 -21.87 -0.47
N ALA A 150 -3.94 -20.95 0.22
CA ALA A 150 -4.07 -19.53 -0.18
C ALA A 150 -2.89 -18.71 0.37
N HIS A 151 -1.97 -19.35 1.10
CA HIS A 151 -0.74 -18.75 1.67
C HIS A 151 -1.14 -17.57 2.57
N VAL A 152 -1.95 -17.82 3.61
CA VAL A 152 -2.51 -16.76 4.49
C VAL A 152 -1.41 -16.33 5.48
N ALA A 153 -0.82 -17.30 6.19
CA ALA A 153 0.23 -17.09 7.21
C ALA A 153 1.20 -16.01 6.73
N GLU A 154 1.68 -16.16 5.49
CA GLU A 154 2.65 -15.25 4.81
C GLU A 154 2.11 -13.81 4.84
N GLN A 155 0.86 -13.62 4.43
CA GLN A 155 0.23 -12.29 4.21
C GLN A 155 0.04 -11.58 5.55
N LEU A 156 -0.38 -12.31 6.59
CA LEU A 156 -0.58 -11.79 7.97
C LEU A 156 0.78 -11.49 8.62
N ARG A 157 1.78 -12.36 8.43
CA ARG A 157 3.14 -12.23 9.01
C ARG A 157 3.70 -10.85 8.65
N ALA A 158 3.63 -10.48 7.36
CA ALA A 158 4.13 -9.20 6.80
C ALA A 158 3.62 -8.02 7.63
N TYR A 159 2.31 -7.98 7.91
CA TYR A 159 1.65 -6.96 8.77
C TYR A 159 2.25 -7.03 10.19
N LEU A 160 2.25 -8.23 10.78
CA LEU A 160 2.58 -8.47 12.22
C LEU A 160 4.04 -8.08 12.50
N GLU A 161 4.98 -8.62 11.71
CA GLU A 161 6.44 -8.34 11.82
C GLU A 161 6.73 -6.88 11.46
N GLY A 162 5.96 -6.29 10.53
CA GLY A 162 6.26 -4.99 9.90
C GLY A 162 5.29 -3.89 10.29
N THR A 163 4.20 -3.74 9.52
CA THR A 163 3.24 -2.60 9.57
C THR A 163 2.72 -2.37 10.99
N CYS A 164 2.33 -3.46 11.68
CA CYS A 164 1.87 -3.47 13.10
C CYS A 164 2.86 -2.70 13.97
N VAL A 165 4.15 -3.04 13.89
CA VAL A 165 5.25 -2.44 14.69
C VAL A 165 5.36 -0.95 14.34
N GLU A 166 5.20 -0.59 13.06
CA GLU A 166 5.33 0.82 12.58
C GLU A 166 4.13 1.64 13.07
N TRP A 167 2.91 1.07 13.06
CA TRP A 167 1.70 1.69 13.64
C TRP A 167 1.94 2.00 15.12
N LEU A 168 2.48 1.01 15.85
CA LEU A 168 2.73 1.08 17.32
C LEU A 168 3.70 2.23 17.61
N ARG A 169 4.87 2.24 16.94
CA ARG A 169 5.90 3.30 17.08
C ARG A 169 5.25 4.67 16.88
N ARG A 170 4.55 4.84 15.76
CA ARG A 170 3.86 6.10 15.37
C ARG A 170 3.00 6.59 16.53
N TYR A 171 2.26 5.67 17.17
CA TYR A 171 1.29 5.98 18.25
C TYR A 171 2.04 6.33 19.55
N LEU A 172 3.03 5.52 19.94
CA LEU A 172 3.91 5.80 21.11
C LEU A 172 4.50 7.20 20.96
N GLU A 173 4.96 7.53 19.75
CA GLU A 173 5.63 8.82 19.40
C GLU A 173 4.64 9.98 19.51
N ASN A 174 3.50 9.90 18.81
CA ASN A 174 2.51 11.00 18.67
C ASN A 174 1.64 11.12 19.93
N GLY A 175 1.64 10.08 20.77
CA GLY A 175 0.87 10.05 22.04
C GLY A 175 1.79 9.76 23.23
N LYS A 176 3.01 10.32 23.20
CA LYS A 176 4.07 10.11 24.22
C LYS A 176 3.55 10.49 25.61
N GLU A 177 2.77 11.57 25.70
CA GLU A 177 2.38 12.22 26.98
C GLU A 177 1.44 11.33 27.80
N THR A 178 0.75 10.36 27.18
CA THR A 178 -0.17 9.43 27.88
C THR A 178 0.39 7.99 27.87
N LEU A 179 0.91 7.53 26.73
CA LEU A 179 1.28 6.11 26.51
C LEU A 179 2.61 5.77 27.18
N GLN A 180 3.61 6.66 27.07
CA GLN A 180 4.98 6.43 27.61
C GLN A 180 5.07 6.89 29.08
N ARG A 181 3.97 7.43 29.62
CA ARG A 181 3.85 7.85 31.04
C ARG A 181 3.63 6.62 31.93
N THR A 182 4.05 6.70 33.20
CA THR A 182 3.77 5.70 34.26
C THR A 182 3.32 6.45 35.53
N ASP A 183 2.02 6.40 35.84
CA ASP A 183 1.41 7.02 37.04
C ASP A 183 1.63 6.08 38.24
N ALA A 184 2.29 6.56 39.29
CA ALA A 184 2.53 5.82 40.54
C ALA A 184 1.21 5.62 41.27
N PRO A 185 0.97 4.44 41.88
CA PRO A 185 -0.25 4.20 42.67
C PRO A 185 -0.30 5.04 43.96
N LYS A 186 -1.32 5.88 44.09
CA LYS A 186 -1.64 6.65 45.33
C LYS A 186 -2.16 5.66 46.37
N THR A 187 -1.29 5.16 47.25
CA THR A 187 -1.58 4.11 48.25
C THR A 187 -2.02 4.75 49.57
N HIS A 188 -2.97 4.11 50.26
CA HIS A 188 -3.36 4.38 51.67
C HIS A 188 -3.85 3.07 52.30
N MET A 189 -4.42 3.14 53.51
CA MET A 189 -4.86 1.95 54.29
C MET A 189 -6.03 2.34 55.20
N THR A 190 -7.12 1.55 55.20
CA THR A 190 -8.34 1.76 56.03
C THR A 190 -8.51 0.60 57.01
N HIS A 191 -8.89 0.89 58.25
CA HIS A 191 -9.08 -0.08 59.37
C HIS A 191 -10.58 -0.30 59.62
N HIS A 192 -11.02 -1.55 59.49
CA HIS A 192 -12.37 -2.05 59.88
C HIS A 192 -12.18 -3.28 60.78
N ALA A 193 -13.18 -3.58 61.63
CA ALA A 193 -13.17 -4.74 62.56
C ALA A 193 -14.61 -5.10 62.94
N VAL A 194 -14.78 -6.07 63.86
CA VAL A 194 -16.10 -6.45 64.45
C VAL A 194 -15.85 -7.01 65.86
N SER A 195 -16.22 -6.24 66.89
CA SER A 195 -16.00 -6.56 68.34
C SER A 195 -14.52 -6.90 68.56
N ASP A 196 -14.24 -8.02 69.24
CA ASP A 196 -12.86 -8.55 69.50
C ASP A 196 -12.60 -9.75 68.60
N HIS A 197 -13.55 -10.10 67.72
CA HIS A 197 -13.53 -11.30 66.85
C HIS A 197 -12.30 -11.27 65.94
N GLU A 198 -11.92 -10.10 65.44
CA GLU A 198 -10.81 -9.90 64.46
C GLU A 198 -10.74 -8.42 64.07
N ALA A 199 -9.72 -8.07 63.25
CA ALA A 199 -9.53 -6.74 62.62
C ALA A 199 -9.16 -6.95 61.14
N THR A 200 -9.48 -5.98 60.28
CA THR A 200 -9.26 -6.03 58.81
C THR A 200 -8.62 -4.73 58.33
N LEU A 201 -7.48 -4.84 57.64
CA LEU A 201 -6.76 -3.70 56.99
C LEU A 201 -6.94 -3.82 55.47
N ARG A 202 -7.24 -2.70 54.81
CA ARG A 202 -7.47 -2.63 53.34
C ARG A 202 -6.38 -1.78 52.69
N CYS A 203 -5.49 -2.42 51.93
CA CYS A 203 -4.31 -1.79 51.27
C CYS A 203 -4.72 -1.24 49.89
N TRP A 204 -5.36 -0.07 49.88
CA TRP A 204 -5.79 0.65 48.65
C TRP A 204 -4.57 1.02 47.79
N ALA A 205 -4.73 1.01 46.46
CA ALA A 205 -3.75 1.47 45.46
C ALA A 205 -4.51 2.05 44.26
N LEU A 206 -4.63 3.38 44.20
CA LEU A 206 -5.55 4.11 43.28
C LEU A 206 -4.75 4.92 42.23
N SER A 207 -5.42 5.28 41.13
CA SER A 207 -4.92 6.20 40.07
C SER A 207 -3.50 5.81 39.62
N PHE A 208 -3.36 4.63 39.01
CA PHE A 208 -2.06 4.13 38.49
C PHE A 208 -2.23 3.57 37.07
N TYR A 209 -1.17 3.68 36.28
CA TYR A 209 -1.03 3.17 34.89
C TYR A 209 0.45 2.82 34.68
N PRO A 210 0.80 1.66 34.07
CA PRO A 210 -0.15 0.70 33.52
C PRO A 210 -0.80 -0.19 34.60
N ALA A 211 -1.61 -1.16 34.18
CA ALA A 211 -2.52 -1.95 35.04
C ALA A 211 -1.76 -3.00 35.86
N GLU A 212 -0.74 -3.63 35.29
CA GLU A 212 0.08 -4.68 35.97
C GLU A 212 0.60 -4.11 37.29
N ILE A 213 0.43 -4.85 38.38
CA ILE A 213 0.72 -4.42 39.78
C ILE A 213 0.77 -5.66 40.67
N THR A 214 1.38 -5.56 41.86
CA THR A 214 1.38 -6.63 42.89
C THR A 214 1.17 -6.00 44.27
N LEU A 215 0.09 -6.41 44.96
CA LEU A 215 -0.19 -6.07 46.39
C LEU A 215 -0.10 -7.36 47.22
N THR A 216 0.95 -7.47 48.04
CA THR A 216 1.19 -8.59 48.98
C THR A 216 0.96 -8.07 50.42
N TRP A 217 0.69 -8.98 51.36
CA TRP A 217 0.69 -8.73 52.83
C TRP A 217 1.76 -9.62 53.47
N GLN A 218 2.27 -9.19 54.63
CA GLN A 218 3.32 -9.92 55.41
C GLN A 218 2.99 -9.83 56.90
N ARG A 219 3.46 -10.81 57.68
CA ARG A 219 3.31 -10.88 59.16
C ARG A 219 4.69 -11.12 59.77
N ASP A 220 5.29 -10.06 60.33
CA ASP A 220 6.67 -10.06 60.91
C ASP A 220 7.68 -10.28 59.77
N GLY A 221 7.46 -9.62 58.62
CA GLY A 221 8.31 -9.71 57.42
C GLY A 221 8.19 -11.07 56.74
N GLU A 222 7.08 -11.78 56.98
CA GLU A 222 6.79 -13.14 56.44
C GLU A 222 5.52 -13.08 55.59
N ASP A 223 5.65 -13.28 54.28
CA ASP A 223 4.53 -13.22 53.29
C ASP A 223 3.34 -14.03 53.82
N GLN A 224 2.14 -13.47 53.73
CA GLN A 224 0.87 -14.09 54.20
C GLN A 224 -0.11 -14.15 53.03
N THR A 225 -0.63 -15.34 52.74
CA THR A 225 -1.70 -15.59 51.72
C THR A 225 -2.80 -16.46 52.33
N GLN A 226 -2.81 -16.64 53.67
CA GLN A 226 -3.73 -17.57 54.37
C GLN A 226 -5.06 -16.86 54.67
N ASP A 227 -5.02 -15.62 55.15
CA ASP A 227 -6.23 -14.83 55.53
C ASP A 227 -6.20 -13.47 54.81
N THR A 228 -6.04 -13.48 53.49
CA THR A 228 -6.07 -12.27 52.62
C THR A 228 -7.23 -12.38 51.62
N GLU A 229 -7.77 -11.24 51.18
CA GLU A 229 -8.78 -11.14 50.10
C GLU A 229 -8.32 -10.08 49.09
N LEU A 230 -7.84 -10.51 47.93
CA LEU A 230 -7.46 -9.63 46.79
C LEU A 230 -8.62 -9.58 45.81
N VAL A 231 -8.86 -8.41 45.20
CA VAL A 231 -9.86 -8.21 44.09
C VAL A 231 -9.08 -8.06 42.78
N GLU A 232 -9.71 -8.35 41.64
CA GLU A 232 -9.13 -8.14 40.30
C GLU A 232 -8.86 -6.65 40.09
N THR A 233 -7.72 -6.29 39.49
CA THR A 233 -7.40 -4.91 39.06
C THR A 233 -8.57 -4.39 38.21
N ARG A 234 -9.08 -3.19 38.52
CA ARG A 234 -10.30 -2.60 37.90
C ARG A 234 -10.00 -1.17 37.43
N PRO A 235 -10.66 -0.70 36.34
CA PRO A 235 -10.41 0.65 35.83
C PRO A 235 -11.25 1.72 36.52
N ALA A 236 -10.62 2.83 36.94
CA ALA A 236 -11.28 4.02 37.51
C ALA A 236 -12.12 4.71 36.43
N GLY A 237 -11.72 4.57 35.15
CA GLY A 237 -12.43 5.08 33.98
C GLY A 237 -11.76 6.31 33.37
N ASP A 238 -10.79 6.89 34.08
CA ASP A 238 -10.07 8.13 33.67
C ASP A 238 -8.73 7.75 33.02
N GLY A 239 -8.57 6.52 32.57
CA GLY A 239 -7.32 5.98 32.00
C GLY A 239 -6.50 5.23 33.05
N THR A 240 -6.71 5.51 34.33
CA THR A 240 -5.98 4.89 35.46
C THR A 240 -6.72 3.62 35.94
N PHE A 241 -6.08 2.88 36.84
CA PHE A 241 -6.59 1.60 37.41
C PHE A 241 -6.59 1.69 38.93
N GLN A 242 -7.27 0.72 39.58
CA GLN A 242 -7.40 0.61 41.05
C GLN A 242 -7.19 -0.85 41.46
N LYS A 243 -6.90 -1.07 42.74
CA LYS A 243 -6.83 -2.42 43.36
C LYS A 243 -6.78 -2.25 44.88
N TRP A 244 -7.23 -3.25 45.63
CA TRP A 244 -7.01 -3.35 47.09
C TRP A 244 -6.88 -4.81 47.52
N ALA A 245 -5.89 -5.10 48.36
CA ALA A 245 -5.74 -6.36 49.13
C ALA A 245 -6.22 -6.10 50.56
N ALA A 246 -6.97 -7.04 51.13
CA ALA A 246 -7.44 -7.02 52.54
C ALA A 246 -6.75 -8.15 53.30
N VAL A 247 -6.78 -8.09 54.63
CA VAL A 247 -6.22 -9.15 55.53
C VAL A 247 -7.00 -9.13 56.84
N VAL A 248 -7.25 -10.32 57.41
CA VAL A 248 -7.95 -10.53 58.72
C VAL A 248 -6.88 -10.84 59.77
N VAL A 249 -6.94 -10.19 60.94
CA VAL A 249 -5.91 -10.31 62.01
C VAL A 249 -6.59 -10.25 63.38
N PRO A 250 -5.97 -10.81 64.45
CA PRO A 250 -6.46 -10.60 65.81
C PRO A 250 -6.36 -9.11 66.18
N SER A 251 -7.36 -8.59 66.91
CA SER A 251 -7.44 -7.17 67.36
C SER A 251 -6.31 -6.88 68.36
N GLY A 252 -5.36 -6.01 67.98
CA GLY A 252 -4.15 -5.68 68.75
C GLY A 252 -2.88 -6.01 68.00
N GLN A 253 -2.97 -6.91 67.01
CA GLN A 253 -1.82 -7.37 66.16
C GLN A 253 -1.65 -6.45 64.95
N GLU A 254 -2.56 -5.47 64.79
CA GLU A 254 -2.64 -4.54 63.62
C GLU A 254 -1.25 -4.16 63.10
N GLN A 255 -0.37 -3.67 63.98
CA GLN A 255 0.95 -3.09 63.62
C GLN A 255 1.88 -4.16 63.02
N ARG A 256 1.70 -5.44 63.41
CA ARG A 256 2.56 -6.59 62.96
C ARG A 256 2.47 -6.78 61.45
N TYR A 257 1.35 -6.39 60.83
CA TYR A 257 1.03 -6.68 59.40
C TYR A 257 1.46 -5.52 58.51
N THR A 258 2.07 -5.86 57.36
CA THR A 258 2.76 -4.92 56.43
C THR A 258 2.37 -5.27 54.99
N CYS A 259 1.97 -4.26 54.20
CA CYS A 259 1.53 -4.38 52.78
C CYS A 259 2.62 -3.83 51.84
N HIS A 260 3.11 -4.67 50.92
CA HIS A 260 4.16 -4.33 49.91
C HIS A 260 3.51 -4.12 48.53
N VAL A 261 3.77 -2.96 47.91
CA VAL A 261 3.23 -2.54 46.59
C VAL A 261 4.38 -2.51 45.57
N GLN A 262 4.29 -3.32 44.51
CA GLN A 262 5.26 -3.36 43.38
C GLN A 262 4.57 -2.85 42.11
N HIS A 263 5.19 -1.89 41.42
CA HIS A 263 4.66 -1.26 40.18
C HIS A 263 5.81 -0.69 39.34
N GLU A 264 5.60 -0.59 38.03
CA GLU A 264 6.57 -0.08 37.03
C GLU A 264 6.92 1.38 37.36
N GLY A 265 5.92 2.22 37.62
CA GLY A 265 6.04 3.66 37.87
C GLY A 265 6.38 4.01 39.32
N LEU A 266 6.89 3.04 40.10
CA LEU A 266 7.49 3.28 41.44
C LEU A 266 9.00 3.10 41.33
N PRO A 267 9.81 3.87 42.08
CA PRO A 267 11.27 3.67 42.11
C PRO A 267 11.64 2.37 42.84
N LYS A 268 11.17 2.22 44.09
CA LYS A 268 11.37 1.03 44.95
C LYS A 268 10.01 0.58 45.47
N PRO A 269 9.77 -0.75 45.68
CA PRO A 269 8.50 -1.21 46.23
C PRO A 269 8.18 -0.55 47.58
N LEU A 270 6.96 0.01 47.71
CA LEU A 270 6.48 0.72 48.92
C LEU A 270 6.12 -0.29 50.02
N THR A 271 5.90 0.21 51.24
CA THR A 271 5.64 -0.58 52.47
C THR A 271 4.76 0.26 53.42
N LEU A 272 3.65 -0.31 53.92
CA LEU A 272 2.65 0.41 54.75
C LEU A 272 2.33 -0.36 56.03
N ARG A 273 2.12 0.35 57.14
CA ARG A 273 1.68 -0.19 58.46
C ARG A 273 0.62 0.74 59.06
N TRP A 274 -0.05 0.30 60.13
CA TRP A 274 -1.10 1.09 60.84
C TRP A 274 -0.42 1.96 61.92
N MET B 1 -20.67 -25.38 23.34
CA MET B 1 -20.68 -23.94 23.70
C MET B 1 -20.62 -23.80 25.22
N ILE B 2 -19.59 -23.11 25.72
CA ILE B 2 -19.43 -22.73 27.15
C ILE B 2 -19.99 -21.31 27.31
N GLN B 3 -20.70 -21.07 28.42
CA GLN B 3 -21.18 -19.73 28.86
C GLN B 3 -20.60 -19.50 30.26
N ARG B 4 -20.05 -18.30 30.52
CA ARG B 4 -19.42 -17.97 31.82
C ARG B 4 -20.17 -16.77 32.42
N THR B 5 -20.48 -16.86 33.72
CA THR B 5 -21.19 -15.81 34.49
C THR B 5 -20.20 -14.70 34.84
N PRO B 6 -20.65 -13.42 34.85
CA PRO B 6 -19.74 -12.31 35.12
C PRO B 6 -19.32 -12.15 36.59
N LYS B 7 -18.11 -11.63 36.81
CA LYS B 7 -17.72 -10.97 38.08
C LYS B 7 -18.29 -9.56 38.07
N ILE B 8 -18.67 -9.03 39.24
CA ILE B 8 -19.27 -7.67 39.39
C ILE B 8 -18.49 -6.92 40.49
N GLN B 9 -18.09 -5.69 40.20
CA GLN B 9 -17.47 -4.75 41.17
C GLN B 9 -18.16 -3.39 41.04
N VAL B 10 -18.64 -2.85 42.16
CA VAL B 10 -19.26 -1.49 42.25
C VAL B 10 -18.35 -0.61 43.11
N TYR B 11 -17.97 0.57 42.62
CA TYR B 11 -16.98 1.47 43.26
C TYR B 11 -17.04 2.86 42.62
N SER B 12 -16.29 3.82 43.17
CA SER B 12 -16.16 5.22 42.66
C SER B 12 -14.75 5.44 42.10
N ARG B 13 -14.65 6.31 41.09
CA ARG B 13 -13.37 6.68 40.40
C ARG B 13 -12.37 7.19 41.45
N HIS B 14 -12.80 8.16 42.25
CA HIS B 14 -12.03 8.73 43.40
C HIS B 14 -12.70 8.32 44.70
N PRO B 15 -11.99 8.35 45.85
CA PRO B 15 -12.62 8.12 47.16
C PRO B 15 -13.71 9.17 47.41
N ALA B 16 -14.93 8.71 47.68
CA ALA B 16 -16.14 9.56 47.84
C ALA B 16 -16.07 10.32 49.16
N GLU B 17 -16.62 11.54 49.17
CA GLU B 17 -16.99 12.30 50.39
C GLU B 17 -18.31 13.01 50.08
N ASN B 18 -19.17 13.18 51.08
CA ASN B 18 -20.54 13.73 50.94
C ASN B 18 -20.47 15.14 50.36
N GLY B 19 -20.84 15.31 49.09
CA GLY B 19 -20.81 16.59 48.35
C GLY B 19 -19.82 16.56 47.20
N LYS B 20 -18.82 15.68 47.25
CA LYS B 20 -17.75 15.53 46.22
C LYS B 20 -18.36 14.92 44.95
N SER B 21 -18.63 15.76 43.95
CA SER B 21 -19.04 15.38 42.57
C SER B 21 -18.04 14.35 42.01
N ASN B 22 -18.45 13.09 41.95
CA ASN B 22 -17.58 11.91 41.67
C ASN B 22 -18.13 11.18 40.43
N PHE B 23 -17.64 9.97 40.15
CA PHE B 23 -18.13 9.04 39.10
C PHE B 23 -18.38 7.66 39.72
N LEU B 24 -19.60 7.13 39.61
CA LEU B 24 -19.96 5.77 40.10
C LEU B 24 -19.67 4.75 39.00
N ASN B 25 -18.94 3.69 39.32
CA ASN B 25 -18.49 2.64 38.38
C ASN B 25 -19.21 1.32 38.67
N CYS B 26 -19.45 0.52 37.63
CA CYS B 26 -19.83 -0.91 37.71
C CYS B 26 -19.01 -1.70 36.67
N TYR B 27 -18.07 -2.53 37.14
CA TYR B 27 -17.12 -3.29 36.29
C TYR B 27 -17.59 -4.76 36.21
N VAL B 28 -18.05 -5.16 35.03
CA VAL B 28 -18.56 -6.53 34.70
C VAL B 28 -17.51 -7.22 33.81
N SER B 29 -17.03 -8.39 34.22
CA SER B 29 -15.86 -9.08 33.61
C SER B 29 -16.01 -10.60 33.69
N GLY B 30 -15.31 -11.33 32.82
CA GLY B 30 -15.16 -12.80 32.88
C GLY B 30 -16.40 -13.53 32.39
N PHE B 31 -17.20 -12.91 31.52
CA PHE B 31 -18.53 -13.40 31.08
C PHE B 31 -18.54 -13.70 29.58
N HIS B 32 -19.49 -14.54 29.15
CA HIS B 32 -19.71 -14.99 27.76
C HIS B 32 -21.06 -15.68 27.68
N PRO B 33 -21.95 -15.39 26.70
CA PRO B 33 -21.67 -14.46 25.60
C PRO B 33 -21.78 -12.98 25.99
N SER B 34 -21.55 -12.09 25.02
CA SER B 34 -21.38 -10.63 25.18
C SER B 34 -22.66 -9.98 25.71
N ASP B 35 -23.82 -10.44 25.23
CA ASP B 35 -25.15 -9.85 25.54
C ASP B 35 -25.30 -9.73 27.06
N ILE B 36 -25.53 -8.51 27.57
CA ILE B 36 -25.61 -8.22 29.03
C ILE B 36 -26.40 -6.93 29.26
N GLU B 37 -27.26 -6.91 30.29
CA GLU B 37 -28.00 -5.72 30.76
C GLU B 37 -27.41 -5.29 32.10
N VAL B 38 -27.00 -4.02 32.21
CA VAL B 38 -26.40 -3.44 33.45
C VAL B 38 -27.00 -2.04 33.66
N ASP B 39 -27.60 -1.81 34.83
CA ASP B 39 -28.16 -0.51 35.25
C ASP B 39 -27.45 -0.06 36.54
N LEU B 40 -27.30 1.24 36.72
CA LEU B 40 -26.81 1.86 37.98
C LEU B 40 -28.01 2.45 38.72
N LEU B 41 -28.25 2.00 39.95
CA LEU B 41 -29.46 2.33 40.75
C LEU B 41 -29.14 3.41 41.79
N LYS B 42 -30.10 4.30 42.02
CA LYS B 42 -30.12 5.29 43.14
C LYS B 42 -31.39 5.06 43.94
N ASN B 43 -31.25 4.62 45.19
CA ASN B 43 -32.38 4.34 46.13
C ASN B 43 -33.35 3.35 45.47
N GLY B 44 -32.82 2.38 44.72
CA GLY B 44 -33.60 1.32 44.05
C GLY B 44 -34.40 1.83 42.86
N GLU B 45 -33.80 2.71 42.05
CA GLU B 45 -34.38 3.23 40.78
C GLU B 45 -33.24 3.55 39.80
N ARG B 46 -33.37 3.11 38.54
CA ARG B 46 -32.31 3.20 37.50
C ARG B 46 -31.98 4.67 37.24
N ILE B 47 -30.70 4.97 37.01
CA ILE B 47 -30.18 6.29 36.54
C ILE B 47 -30.19 6.27 35.00
N GLU B 48 -30.75 7.29 34.37
CA GLU B 48 -30.95 7.37 32.90
C GLU B 48 -29.64 7.78 32.20
N LYS B 49 -28.76 8.48 32.92
CA LYS B 49 -27.55 9.14 32.36
C LYS B 49 -26.40 8.15 32.16
N VAL B 50 -26.59 6.88 32.54
CA VAL B 50 -25.50 5.85 32.59
C VAL B 50 -24.96 5.62 31.18
N GLU B 51 -23.63 5.49 31.07
CA GLU B 51 -22.90 5.16 29.81
C GLU B 51 -21.93 4.01 30.07
N HIS B 52 -21.52 3.29 29.01
CA HIS B 52 -20.64 2.10 29.10
C HIS B 52 -19.44 2.24 28.16
N SER B 53 -18.33 1.58 28.53
CA SER B 53 -17.10 1.42 27.70
C SER B 53 -17.44 0.53 26.51
N ASP B 54 -16.60 0.57 25.47
CA ASP B 54 -16.74 -0.27 24.25
C ASP B 54 -16.41 -1.71 24.62
N LEU B 55 -17.13 -2.67 24.04
CA LEU B 55 -16.98 -4.12 24.32
C LEU B 55 -15.57 -4.57 23.89
N SER B 56 -14.81 -5.10 24.84
CA SER B 56 -13.50 -5.77 24.63
C SER B 56 -13.53 -7.12 25.33
N PHE B 57 -12.48 -7.93 25.16
CA PHE B 57 -12.38 -9.29 25.77
C PHE B 57 -10.92 -9.58 26.13
N SER B 58 -10.73 -10.62 26.95
CA SER B 58 -9.46 -10.99 27.62
C SER B 58 -8.88 -12.25 26.97
N LYS B 59 -7.88 -12.85 27.62
CA LYS B 59 -7.04 -13.97 27.09
C LYS B 59 -7.88 -15.24 26.95
N ASP B 60 -8.92 -15.40 27.77
CA ASP B 60 -9.83 -16.59 27.80
C ASP B 60 -11.05 -16.35 26.90
N TRP B 61 -11.13 -15.20 26.22
CA TRP B 61 -12.23 -14.77 25.30
C TRP B 61 -13.43 -14.22 26.10
N SER B 62 -13.33 -14.18 27.43
CA SER B 62 -14.36 -13.59 28.32
C SER B 62 -14.43 -12.09 28.07
N PHE B 63 -15.63 -11.50 28.10
CA PHE B 63 -15.88 -10.06 27.84
C PHE B 63 -15.77 -9.28 29.17
N TYR B 64 -15.62 -7.96 29.04
CA TYR B 64 -15.61 -7.00 30.17
C TYR B 64 -16.07 -5.63 29.65
N LEU B 65 -16.96 -4.98 30.40
CA LEU B 65 -17.46 -3.60 30.17
C LEU B 65 -17.32 -2.82 31.47
N LEU B 66 -17.18 -1.49 31.36
CA LEU B 66 -17.33 -0.54 32.49
C LEU B 66 -18.58 0.29 32.24
N TYR B 67 -19.57 0.20 33.15
CA TYR B 67 -20.77 1.07 33.20
C TYR B 67 -20.53 2.15 34.27
N TYR B 68 -20.64 3.43 33.89
CA TYR B 68 -20.31 4.59 34.76
C TYR B 68 -21.31 5.74 34.54
N THR B 69 -21.30 6.69 35.47
CA THR B 69 -22.07 7.96 35.42
C THR B 69 -21.56 8.90 36.50
N GLU B 70 -21.81 10.21 36.35
CA GLU B 70 -21.56 11.22 37.41
C GLU B 70 -22.59 11.04 38.52
N PHE B 71 -22.20 11.31 39.78
CA PHE B 71 -23.11 11.33 40.96
C PHE B 71 -22.48 12.20 42.04
N THR B 72 -23.32 12.95 42.77
CA THR B 72 -22.94 13.79 43.94
C THR B 72 -23.46 13.09 45.18
N PRO B 73 -22.75 12.04 45.70
CA PRO B 73 -23.26 11.23 46.80
C PRO B 73 -23.49 12.04 48.09
N THR B 74 -24.53 11.69 48.84
CA THR B 74 -24.87 12.25 50.16
C THR B 74 -24.64 11.16 51.22
N GLU B 75 -25.04 11.39 52.47
CA GLU B 75 -24.83 10.47 53.61
C GLU B 75 -25.77 9.24 53.47
N LYS B 76 -27.08 9.47 53.57
CA LYS B 76 -28.11 8.39 53.68
C LYS B 76 -28.63 7.98 52.30
N ASP B 77 -27.99 8.41 51.21
CA ASP B 77 -28.17 7.84 49.85
C ASP B 77 -27.54 6.44 49.84
N GLU B 78 -28.12 5.51 49.08
CA GLU B 78 -27.67 4.09 48.97
C GLU B 78 -27.73 3.68 47.50
N TYR B 79 -26.61 3.79 46.78
CA TYR B 79 -26.45 3.44 45.34
C TYR B 79 -26.13 1.94 45.22
N ALA B 80 -26.39 1.38 44.03
CA ALA B 80 -26.16 -0.05 43.70
C ALA B 80 -26.12 -0.25 42.19
N CYS B 81 -25.58 -1.39 41.75
CA CYS B 81 -25.49 -1.82 40.33
C CYS B 81 -26.28 -3.11 40.13
N ARG B 82 -27.07 -3.19 39.05
CA ARG B 82 -27.96 -4.34 38.72
C ARG B 82 -27.50 -4.97 37.40
N VAL B 83 -27.23 -6.28 37.42
CA VAL B 83 -26.61 -7.05 36.31
C VAL B 83 -27.51 -8.25 35.99
N ASN B 84 -27.91 -8.40 34.72
CA ASN B 84 -28.63 -9.61 34.23
C ASN B 84 -27.90 -10.17 33.01
N HIS B 85 -27.81 -11.50 32.95
CA HIS B 85 -27.03 -12.28 31.96
C HIS B 85 -27.73 -13.62 31.76
N VAL B 86 -27.53 -14.25 30.59
CA VAL B 86 -28.13 -15.56 30.25
C VAL B 86 -27.83 -16.58 31.37
N THR B 87 -26.69 -16.43 32.06
CA THR B 87 -26.20 -17.39 33.10
C THR B 87 -26.84 -17.13 34.46
N LEU B 88 -27.61 -16.05 34.61
CA LEU B 88 -28.27 -15.67 35.89
C LEU B 88 -29.76 -16.00 35.80
N SER B 89 -30.25 -16.86 36.69
CA SER B 89 -31.69 -17.20 36.86
C SER B 89 -32.47 -15.93 37.17
N GLN B 90 -32.04 -15.21 38.21
CA GLN B 90 -32.61 -13.90 38.66
C GLN B 90 -31.50 -12.86 38.64
N PRO B 91 -31.75 -11.64 38.08
CA PRO B 91 -30.73 -10.60 38.07
C PRO B 91 -30.07 -10.42 39.44
N LYS B 92 -28.77 -10.12 39.43
CA LYS B 92 -27.93 -9.93 40.64
C LYS B 92 -27.78 -8.43 40.90
N ILE B 93 -28.01 -7.98 42.14
CA ILE B 93 -27.74 -6.58 42.58
C ILE B 93 -26.54 -6.58 43.54
N VAL B 94 -25.67 -5.59 43.39
CA VAL B 94 -24.44 -5.39 44.21
C VAL B 94 -24.41 -3.92 44.68
N LYS B 95 -24.62 -3.69 45.97
CA LYS B 95 -24.70 -2.35 46.60
C LYS B 95 -23.29 -1.74 46.67
N TRP B 96 -23.17 -0.45 46.36
CA TRP B 96 -21.90 0.32 46.47
C TRP B 96 -21.51 0.40 47.95
N ASP B 97 -20.43 -0.29 48.34
CA ASP B 97 -19.76 -0.12 49.66
C ASP B 97 -18.63 0.89 49.49
N ARG B 98 -18.60 1.92 50.34
CA ARG B 98 -17.64 3.06 50.26
C ARG B 98 -16.20 2.53 50.38
N ASP B 99 -15.98 1.58 51.31
CA ASP B 99 -14.63 1.06 51.70
C ASP B 99 -14.27 -0.16 50.83
N MET B 100 -14.90 -0.33 49.67
CA MET B 100 -14.61 -1.43 48.71
C MET B 100 -14.73 -0.91 47.28
N GLY C 1 -3.34 0.72 13.89
CA GLY C 1 -3.95 0.72 12.53
C GLY C 1 -4.36 -0.68 12.10
N VAL C 2 -5.61 -0.83 11.67
CA VAL C 2 -6.26 -2.12 11.31
C VAL C 2 -5.47 -2.80 10.18
N TYR C 3 -5.38 -4.13 10.23
CA TYR C 3 -4.69 -4.98 9.23
C TYR C 3 -5.17 -4.59 7.83
N ASP C 4 -4.23 -4.19 6.96
CA ASP C 4 -4.52 -3.56 5.64
C ASP C 4 -4.37 -4.59 4.53
N GLY C 5 -3.94 -5.82 4.86
CA GLY C 5 -3.67 -6.89 3.88
C GLY C 5 -4.95 -7.61 3.47
N ARG C 6 -4.80 -8.75 2.80
CA ARG C 6 -5.92 -9.56 2.24
C ARG C 6 -6.73 -10.19 3.38
N GLU C 7 -8.06 -10.16 3.26
CA GLU C 7 -9.02 -10.84 4.17
C GLU C 7 -9.30 -12.25 3.63
N HIS C 8 -9.15 -13.27 4.48
CA HIS C 8 -9.54 -14.68 4.19
C HIS C 8 -10.62 -15.12 5.17
N THR C 9 -11.73 -15.67 4.65
CA THR C 9 -12.85 -16.27 5.41
C THR C 9 -12.50 -17.73 5.73
N VAL C 10 -13.00 -18.24 6.86
CA VAL C 10 -12.71 -19.61 7.38
C VAL C 10 -13.38 -20.64 6.48
N ASN D 3 5.95 14.88 -3.44
CA ASN D 3 6.11 13.41 -3.57
C ASN D 3 6.59 12.83 -2.23
N GLN D 4 6.38 11.52 -2.01
CA GLN D 4 6.85 10.75 -0.83
C GLN D 4 7.75 9.58 -1.27
N VAL D 5 7.98 9.41 -2.56
CA VAL D 5 8.95 8.40 -3.10
C VAL D 5 9.90 9.11 -4.06
N GLU D 6 11.16 9.26 -3.66
CA GLU D 6 12.26 9.83 -4.48
C GLU D 6 13.15 8.69 -4.98
N GLN D 7 13.50 8.70 -6.27
CA GLN D 7 14.50 7.79 -6.87
C GLN D 7 15.69 8.61 -7.35
N SER D 8 16.88 8.02 -7.35
CA SER D 8 18.14 8.66 -7.77
C SER D 8 19.04 7.64 -8.46
N PRO D 9 19.77 8.02 -9.52
CA PRO D 9 19.66 9.34 -10.13
C PRO D 9 18.42 9.38 -11.03
N GLN D 10 18.04 10.56 -11.53
CA GLN D 10 16.87 10.74 -12.43
C GLN D 10 17.16 9.98 -13.73
N SER D 11 18.43 9.83 -14.10
CA SER D 11 18.89 8.97 -15.22
C SER D 11 20.37 8.67 -15.07
N LEU D 12 20.82 7.51 -15.55
CA LEU D 12 22.27 7.18 -15.66
C LEU D 12 22.53 6.38 -16.93
N ILE D 13 23.67 6.68 -17.56
CA ILE D 13 24.17 6.09 -18.83
C ILE D 13 25.41 5.26 -18.46
N ILE D 14 25.27 3.93 -18.43
CA ILE D 14 26.29 2.97 -17.94
C ILE D 14 26.82 2.20 -19.16
N LEU D 15 28.08 1.77 -19.13
CA LEU D 15 28.70 0.89 -20.16
C LEU D 15 28.25 -0.56 -19.90
N GLU D 16 27.99 -1.35 -20.95
CA GLU D 16 27.47 -2.74 -20.81
C GLU D 16 28.55 -3.59 -20.13
N GLY D 17 28.13 -4.50 -19.25
CA GLY D 17 29.03 -5.36 -18.45
C GLY D 17 29.32 -4.76 -17.09
N LYS D 18 29.06 -3.46 -16.92
CA LYS D 18 29.21 -2.75 -15.62
C LYS D 18 28.01 -3.13 -14.75
N ASN D 19 28.24 -3.21 -13.44
CA ASN D 19 27.18 -3.42 -12.42
C ASN D 19 26.55 -2.05 -12.15
N VAL D 20 25.22 -1.98 -12.06
CA VAL D 20 24.49 -0.72 -11.81
C VAL D 20 23.62 -0.91 -10.56
N THR D 21 23.39 0.18 -9.83
CA THR D 21 22.53 0.26 -8.62
C THR D 21 21.52 1.39 -8.78
N LEU D 22 20.23 1.10 -8.62
CA LEU D 22 19.15 2.11 -8.68
C LEU D 22 18.59 2.31 -7.27
N GLN D 23 18.75 3.50 -6.72
CA GLN D 23 18.38 3.84 -5.31
C GLN D 23 16.96 4.43 -5.26
N CYS D 24 16.29 4.27 -4.12
CA CYS D 24 14.90 4.70 -3.86
C CYS D 24 14.76 5.04 -2.37
N ASN D 25 14.50 6.30 -2.04
CA ASN D 25 14.18 6.77 -0.66
C ASN D 25 12.69 7.07 -0.61
N TYR D 26 12.00 6.67 0.47
CA TYR D 26 10.54 6.86 0.64
C TYR D 26 10.26 7.49 2.00
N THR D 27 9.19 8.29 2.06
CA THR D 27 8.64 8.95 3.28
C THR D 27 7.41 8.17 3.77
N VAL D 28 6.72 7.46 2.87
CA VAL D 28 5.41 6.79 3.10
C VAL D 28 5.46 6.06 4.45
N SER D 29 4.59 6.47 5.38
CA SER D 29 4.52 5.94 6.77
C SER D 29 3.09 5.93 7.28
N PRO D 30 2.57 4.78 7.78
CA PRO D 30 3.33 3.54 7.83
C PRO D 30 3.32 2.76 6.52
N PHE D 31 4.21 1.77 6.46
CA PHE D 31 4.66 1.15 5.22
C PHE D 31 4.17 -0.30 5.18
N SER D 32 3.73 -0.76 4.00
CA SER D 32 3.08 -2.07 3.79
C SER D 32 3.95 -2.93 2.86
N ASN D 33 4.24 -2.43 1.65
CA ASN D 33 5.07 -3.15 0.64
C ASN D 33 5.76 -2.15 -0.30
N LEU D 34 6.90 -2.54 -0.87
CA LEU D 34 7.63 -1.83 -1.94
C LEU D 34 7.75 -2.75 -3.15
N ARG D 35 7.57 -2.21 -4.36
CA ARG D 35 7.71 -2.95 -5.64
C ARG D 35 8.72 -2.22 -6.51
N TRP D 36 9.47 -2.95 -7.33
CA TRP D 36 10.32 -2.42 -8.42
C TRP D 36 9.71 -2.82 -9.76
N TYR D 37 9.26 -1.86 -10.55
CA TYR D 37 8.72 -2.07 -11.92
C TYR D 37 9.78 -1.73 -12.96
N LYS D 38 9.83 -2.51 -14.05
CA LYS D 38 10.61 -2.20 -15.28
C LYS D 38 9.61 -1.70 -16.33
N GLN D 39 9.91 -0.59 -17.02
CA GLN D 39 9.03 0.00 -18.06
C GLN D 39 9.85 0.42 -19.28
N ASP D 40 9.64 -0.25 -20.41
CA ASP D 40 10.14 0.17 -21.75
C ASP D 40 9.16 1.21 -22.31
N THR D 41 9.66 2.08 -23.20
CA THR D 41 8.92 3.23 -23.78
C THR D 41 7.63 2.74 -24.46
N GLY D 42 6.50 3.38 -24.16
CA GLY D 42 5.19 3.13 -24.79
C GLY D 42 4.45 1.96 -24.16
N ARG D 43 5.03 1.31 -23.16
CA ARG D 43 4.55 0.02 -22.58
C ARG D 43 4.06 0.24 -21.15
N GLY D 44 3.28 -0.72 -20.64
CA GLY D 44 2.92 -0.80 -19.21
C GLY D 44 4.15 -1.13 -18.35
N PRO D 45 4.15 -0.78 -17.05
CA PRO D 45 5.19 -1.26 -16.13
C PRO D 45 5.03 -2.77 -15.88
N VAL D 46 6.15 -3.49 -15.80
CA VAL D 46 6.22 -4.95 -15.51
C VAL D 46 6.95 -5.15 -14.17
N SER D 47 6.29 -5.82 -13.22
CA SER D 47 6.80 -6.11 -11.85
C SER D 47 8.08 -6.95 -11.93
N LEU D 48 9.12 -6.57 -11.18
CA LEU D 48 10.38 -7.35 -11.03
C LEU D 48 10.38 -8.04 -9.66
N THR D 49 10.20 -7.27 -8.59
CA THR D 49 10.15 -7.75 -7.18
C THR D 49 9.14 -6.91 -6.38
N ILE D 50 8.46 -7.57 -5.45
CA ILE D 50 7.72 -6.93 -4.31
C ILE D 50 8.49 -7.29 -3.03
N MET D 51 8.48 -6.40 -2.04
CA MET D 51 9.26 -6.60 -0.79
C MET D 51 8.50 -6.02 0.40
N THR D 52 8.16 -6.88 1.35
CA THR D 52 7.52 -6.55 2.66
C THR D 52 8.63 -6.16 3.62
N PHE D 53 8.29 -5.65 4.81
CA PHE D 53 9.26 -5.40 5.91
C PHE D 53 10.05 -6.69 6.20
N SER D 54 9.34 -7.81 6.28
CA SER D 54 9.87 -9.16 6.64
C SER D 54 10.57 -9.84 5.45
N GLU D 55 10.92 -9.03 4.43
CA GLU D 55 11.70 -9.49 3.29
C GLU D 55 12.75 -8.42 2.95
N ASN D 56 14.02 -8.71 3.17
CA ASN D 56 15.15 -7.77 2.90
C ASN D 56 15.62 -7.94 1.45
N THR D 57 15.96 -9.17 1.06
CA THR D 57 16.89 -9.49 -0.05
C THR D 57 16.28 -10.54 -0.99
N LYS D 58 16.44 -10.36 -2.30
CA LYS D 58 15.97 -11.29 -3.36
C LYS D 58 16.90 -11.20 -4.57
N SER D 59 17.72 -12.25 -4.79
CA SER D 59 18.57 -12.41 -6.00
C SER D 59 17.78 -13.13 -7.10
N ASN D 60 17.03 -12.36 -7.89
CA ASN D 60 16.17 -12.79 -9.02
C ASN D 60 17.01 -12.79 -10.30
N GLY D 61 17.93 -13.77 -10.40
CA GLY D 61 18.81 -13.91 -11.55
C GLY D 61 20.02 -12.98 -11.49
N ARG D 62 20.07 -11.96 -12.36
CA ARG D 62 21.13 -10.92 -12.39
C ARG D 62 20.65 -9.69 -11.61
N TYR D 63 19.35 -9.60 -11.37
CA TYR D 63 18.70 -8.56 -10.51
C TYR D 63 18.84 -8.98 -9.05
N THR D 64 19.10 -8.01 -8.16
CA THR D 64 19.12 -8.19 -6.68
C THR D 64 18.44 -6.98 -6.03
N ALA D 65 17.27 -7.18 -5.44
CA ALA D 65 16.48 -6.16 -4.73
C ALA D 65 16.81 -6.22 -3.24
N THR D 66 16.83 -5.07 -2.57
CA THR D 66 17.21 -4.91 -1.14
C THR D 66 16.31 -3.86 -0.49
N LEU D 67 15.83 -4.13 0.73
CA LEU D 67 14.98 -3.21 1.51
C LEU D 67 15.54 -3.06 2.92
N ASP D 68 15.57 -1.82 3.41
CA ASP D 68 15.86 -1.45 4.83
C ASP D 68 14.69 -0.56 5.29
N ALA D 69 13.64 -1.18 5.83
CA ALA D 69 12.35 -0.55 6.19
C ALA D 69 12.55 0.47 7.31
N ASP D 70 13.50 0.24 8.21
CA ASP D 70 13.80 1.16 9.33
C ASP D 70 14.29 2.50 8.78
N THR D 71 15.20 2.49 7.79
CA THR D 71 15.77 3.71 7.14
C THR D 71 14.90 4.16 5.95
N LYS D 72 13.88 3.39 5.57
CA LYS D 72 12.96 3.71 4.45
C LYS D 72 13.79 3.92 3.18
N GLN D 73 14.48 2.86 2.75
CA GLN D 73 15.42 2.87 1.61
C GLN D 73 15.41 1.50 0.92
N SER D 74 15.48 1.49 -0.41
CA SER D 74 15.62 0.26 -1.22
C SER D 74 16.60 0.49 -2.37
N SER D 75 17.30 -0.57 -2.76
CA SER D 75 18.25 -0.60 -3.89
C SER D 75 17.81 -1.70 -4.87
N LEU D 76 18.09 -1.50 -6.16
CA LEU D 76 17.95 -2.57 -7.19
C LEU D 76 19.30 -2.69 -7.89
N HIS D 77 20.12 -3.66 -7.48
CA HIS D 77 21.42 -3.97 -8.11
C HIS D 77 21.14 -4.77 -9.38
N ILE D 78 21.90 -4.50 -10.45
CA ILE D 78 21.90 -5.31 -11.70
C ILE D 78 23.36 -5.65 -12.01
N THR D 79 23.71 -6.94 -11.98
CA THR D 79 25.09 -7.45 -12.21
C THR D 79 25.28 -7.63 -13.73
N ALA D 80 26.48 -7.31 -14.23
CA ALA D 80 26.87 -7.50 -15.64
C ALA D 80 25.73 -7.03 -16.56
N SER D 81 25.49 -5.72 -16.60
CA SER D 81 24.41 -5.08 -17.39
C SER D 81 24.56 -5.43 -18.87
N GLN D 82 23.45 -5.39 -19.61
CA GLN D 82 23.44 -5.61 -21.08
C GLN D 82 22.31 -4.79 -21.70
N LEU D 83 22.38 -4.56 -23.02
CA LEU D 83 21.53 -3.58 -23.74
C LEU D 83 20.07 -3.77 -23.33
N SER D 84 19.63 -5.02 -23.13
CA SER D 84 18.23 -5.40 -22.78
C SER D 84 17.82 -4.83 -21.41
N ASP D 85 18.78 -4.47 -20.56
CA ASP D 85 18.50 -3.82 -19.24
C ASP D 85 18.10 -2.36 -19.44
N SER D 86 18.45 -1.76 -20.57
CA SER D 86 18.06 -0.38 -20.94
C SER D 86 16.53 -0.26 -20.83
N ALA D 87 16.05 0.59 -19.93
CA ALA D 87 14.62 0.80 -19.63
C ALA D 87 14.47 1.82 -18.49
N SER D 88 13.23 2.22 -18.21
CA SER D 88 12.86 3.04 -17.02
C SER D 88 12.54 2.10 -15.84
N TYR D 89 13.15 2.34 -14.68
CA TYR D 89 12.98 1.50 -13.48
C TYR D 89 12.26 2.31 -12.39
N ILE D 90 11.01 1.94 -12.09
CA ILE D 90 10.07 2.67 -11.20
C ILE D 90 10.02 1.98 -9.83
N CYS D 91 10.18 2.77 -8.77
CA CYS D 91 10.03 2.40 -7.35
C CYS D 91 8.62 2.82 -6.90
N VAL D 92 7.80 1.86 -6.46
CA VAL D 92 6.39 2.08 -6.04
C VAL D 92 6.22 1.57 -4.61
N VAL D 93 5.66 2.40 -3.73
CA VAL D 93 5.49 2.08 -2.28
C VAL D 93 4.01 2.19 -1.93
N ASN D 94 3.54 1.33 -1.03
CA ASN D 94 2.12 1.22 -0.62
C ASN D 94 1.99 1.61 0.85
N HIS D 95 1.21 2.66 1.11
CA HIS D 95 0.78 3.13 2.46
C HIS D 95 -0.21 2.11 3.04
N SER D 96 -0.28 2.01 4.36
CA SER D 96 -1.08 0.99 5.11
C SER D 96 -2.40 1.59 5.63
N GLY D 97 -2.69 2.84 5.27
CA GLY D 97 -3.78 3.65 5.87
C GLY D 97 -5.17 3.14 5.49
N GLY D 98 -5.31 2.69 4.23
CA GLY D 98 -6.57 2.15 3.73
C GLY D 98 -6.95 2.67 2.35
N SER D 99 -6.14 3.56 1.76
CA SER D 99 -6.41 4.22 0.45
C SER D 99 -6.35 3.19 -0.69
N TYR D 100 -5.40 2.26 -0.60
CA TYR D 100 -5.12 1.21 -1.61
C TYR D 100 -4.76 1.89 -2.94
N ILE D 101 -4.20 3.10 -2.84
CA ILE D 101 -3.63 3.92 -3.95
C ILE D 101 -2.12 3.93 -3.78
N PRO D 102 -1.35 3.17 -4.58
CA PRO D 102 0.10 3.14 -4.42
C PRO D 102 0.75 4.50 -4.71
N THR D 103 1.93 4.75 -4.12
CA THR D 103 2.75 5.99 -4.26
C THR D 103 3.93 5.73 -5.19
N PHE D 104 3.96 6.35 -6.37
CA PHE D 104 4.98 6.12 -7.43
C PHE D 104 6.14 7.12 -7.28
N GLY D 105 7.37 6.61 -7.38
CA GLY D 105 8.55 7.40 -7.76
C GLY D 105 8.43 7.81 -9.22
N ARG D 106 9.23 8.78 -9.67
CA ARG D 106 9.17 9.33 -11.04
C ARG D 106 9.99 8.45 -11.99
N GLY D 107 10.72 7.47 -11.46
CA GLY D 107 11.50 6.50 -12.25
C GLY D 107 12.94 6.94 -12.42
N THR D 108 13.80 6.01 -12.84
CA THR D 108 15.19 6.25 -13.30
C THR D 108 15.35 5.64 -14.70
N SER D 109 15.96 6.39 -15.62
CA SER D 109 16.30 5.93 -16.99
C SER D 109 17.68 5.28 -16.97
N LEU D 110 17.73 3.95 -17.14
CA LEU D 110 18.98 3.21 -17.40
C LEU D 110 19.15 3.09 -18.91
N ILE D 111 20.21 3.70 -19.47
CA ILE D 111 20.67 3.47 -20.87
C ILE D 111 22.02 2.74 -20.78
N VAL D 112 22.08 1.50 -21.29
CA VAL D 112 23.31 0.67 -21.34
C VAL D 112 23.93 0.82 -22.73
N HIS D 113 25.10 1.45 -22.82
CA HIS D 113 25.88 1.65 -24.07
C HIS D 113 26.76 0.43 -24.30
N PRO D 114 26.97 0.01 -25.58
CA PRO D 114 27.75 -1.18 -25.88
C PRO D 114 29.25 -0.94 -25.79
N TYR D 115 30.02 -1.98 -25.45
CA TYR D 115 31.51 -1.95 -25.42
C TYR D 115 32.02 -2.09 -26.85
N ILE D 116 32.37 -0.96 -27.48
CA ILE D 116 32.97 -0.91 -28.84
C ILE D 116 34.47 -1.16 -28.69
N GLN D 117 34.89 -2.43 -28.79
CA GLN D 117 36.29 -2.87 -28.56
C GLN D 117 37.16 -2.45 -29.76
N LYS D 118 36.58 -2.46 -30.97
CA LYS D 118 37.28 -2.13 -32.25
C LYS D 118 36.63 -0.89 -32.88
N PRO D 119 36.75 0.30 -32.26
CA PRO D 119 36.15 1.52 -32.83
C PRO D 119 36.73 1.78 -34.22
N ASP D 120 35.86 2.07 -35.19
CA ASP D 120 36.25 2.39 -36.60
C ASP D 120 35.45 3.60 -37.06
N PRO D 121 35.46 4.71 -36.29
CA PRO D 121 34.61 5.87 -36.57
C PRO D 121 34.78 6.33 -38.03
N ALA D 122 33.67 6.69 -38.67
CA ALA D 122 33.62 7.07 -40.11
C ALA D 122 32.30 7.81 -40.40
N VAL D 123 32.35 8.78 -41.31
CA VAL D 123 31.17 9.54 -41.82
C VAL D 123 31.02 9.22 -43.31
N TYR D 124 29.93 8.54 -43.68
CA TYR D 124 29.59 8.14 -45.08
C TYR D 124 28.37 8.94 -45.58
N GLN D 125 28.24 9.06 -46.89
CA GLN D 125 27.16 9.81 -47.59
C GLN D 125 26.26 8.82 -48.33
N LEU D 126 24.94 8.97 -48.18
CA LEU D 126 23.89 8.12 -48.80
C LEU D 126 22.95 9.01 -49.62
N ARG D 127 22.48 8.51 -50.77
CA ARG D 127 21.60 9.26 -51.72
C ARG D 127 20.22 8.61 -51.78
N ASP D 128 19.20 9.38 -52.21
CA ASP D 128 17.79 8.95 -52.27
C ASP D 128 17.62 7.90 -53.39
N SER D 129 16.88 6.82 -53.08
CA SER D 129 16.56 5.70 -54.01
C SER D 129 15.28 6.02 -54.81
N SER D 135 20.17 13.32 -50.17
CA SER D 135 21.32 13.73 -49.33
C SER D 135 21.07 13.38 -47.85
N VAL D 136 21.72 12.34 -47.35
CA VAL D 136 21.69 11.91 -45.91
C VAL D 136 23.09 11.49 -45.50
N CYS D 137 23.58 11.98 -44.35
CA CYS D 137 24.94 11.70 -43.81
C CYS D 137 24.82 10.77 -42.60
N LEU D 138 25.69 9.74 -42.55
CA LEU D 138 25.67 8.65 -41.54
C LEU D 138 27.02 8.61 -40.80
N PHE D 139 27.04 9.06 -39.54
CA PHE D 139 28.16 8.88 -38.59
C PHE D 139 27.93 7.55 -37.87
N THR D 140 28.92 6.64 -37.91
CA THR D 140 28.81 5.24 -37.38
C THR D 140 30.15 4.73 -36.90
N ASP D 141 30.14 3.55 -36.25
CA ASP D 141 31.32 2.75 -35.84
C ASP D 141 32.16 3.48 -34.77
N PHE D 142 31.66 4.58 -34.20
CA PHE D 142 32.35 5.33 -33.13
C PHE D 142 32.12 4.63 -31.79
N ASP D 143 32.99 4.86 -30.80
CA ASP D 143 32.96 4.19 -29.46
C ASP D 143 32.01 4.98 -28.56
N SER D 144 31.55 4.34 -27.48
CA SER D 144 30.41 4.81 -26.63
C SER D 144 30.79 6.08 -25.86
N GLN D 145 32.08 6.33 -25.64
CA GLN D 145 32.59 7.57 -24.98
C GLN D 145 32.21 8.81 -25.79
N THR D 146 32.05 8.69 -27.12
CA THR D 146 31.65 9.78 -28.05
C THR D 146 30.18 10.16 -27.82
N ASN D 147 29.87 11.46 -27.94
CA ASN D 147 28.57 12.08 -27.57
C ASN D 147 27.93 12.70 -28.81
N VAL D 148 26.64 12.40 -29.07
CA VAL D 148 25.82 12.98 -30.17
C VAL D 148 24.38 13.10 -29.69
N SER D 149 23.72 14.23 -29.94
CA SER D 149 22.34 14.56 -29.49
C SER D 149 21.56 15.29 -30.60
N GLN D 150 20.30 15.65 -30.33
CA GLN D 150 19.37 16.29 -31.30
C GLN D 150 19.86 17.70 -31.65
N SER D 151 20.51 17.84 -32.81
CA SER D 151 21.18 19.07 -33.31
C SER D 151 22.23 19.55 -32.30
N SER D 154 20.89 25.08 -37.66
CA SER D 154 20.26 26.01 -38.64
C SER D 154 20.11 25.33 -40.01
N ASP D 155 18.96 24.68 -40.23
CA ASP D 155 18.59 23.93 -41.48
C ASP D 155 19.32 22.58 -41.53
N VAL D 156 19.95 22.17 -40.42
CA VAL D 156 20.80 20.95 -40.31
C VAL D 156 20.32 20.13 -39.10
N TYR D 157 19.42 19.17 -39.33
CA TYR D 157 18.87 18.26 -38.30
C TYR D 157 19.90 17.15 -38.03
N ILE D 158 20.13 16.82 -36.75
CA ILE D 158 21.03 15.71 -36.32
C ILE D 158 20.26 14.88 -35.28
N THR D 159 20.36 13.55 -35.37
CA THR D 159 19.61 12.57 -34.52
C THR D 159 20.44 12.21 -33.28
N ASP D 160 19.78 11.66 -32.25
CA ASP D 160 20.44 11.03 -31.08
C ASP D 160 21.25 9.83 -31.58
N LYS D 161 22.26 9.40 -30.82
CA LYS D 161 23.04 8.16 -31.13
C LYS D 161 22.14 6.94 -30.87
N CYS D 162 22.51 5.79 -31.42
CA CYS D 162 21.63 4.61 -31.61
C CYS D 162 22.48 3.34 -31.80
N VAL D 163 22.18 2.28 -31.02
CA VAL D 163 22.96 1.01 -30.97
C VAL D 163 22.18 -0.09 -31.71
N LEU D 164 22.81 -0.80 -32.64
CA LEU D 164 22.20 -1.93 -33.41
C LEU D 164 23.04 -3.19 -33.24
N ASP D 165 22.40 -4.29 -32.85
CA ASP D 165 23.02 -5.62 -32.62
C ASP D 165 22.78 -6.49 -33.86
N MET D 166 23.83 -7.15 -34.36
CA MET D 166 23.73 -8.26 -35.35
C MET D 166 24.04 -9.57 -34.62
N ARG D 167 23.00 -10.33 -34.25
CA ARG D 167 23.11 -11.57 -33.45
C ARG D 167 23.95 -12.60 -34.21
N SER D 168 23.71 -12.73 -35.52
CA SER D 168 24.37 -13.69 -36.44
C SER D 168 25.91 -13.56 -36.37
N MET D 169 26.41 -12.32 -36.28
CA MET D 169 27.86 -11.98 -36.37
C MET D 169 28.40 -11.47 -35.03
N ASP D 170 27.56 -11.35 -34.00
CA ASP D 170 27.90 -10.79 -32.67
C ASP D 170 28.76 -9.53 -32.87
N PHE D 171 28.17 -8.49 -33.44
CA PHE D 171 28.79 -7.19 -33.77
C PHE D 171 27.81 -6.07 -33.44
N LYS D 172 28.19 -5.14 -32.55
CA LYS D 172 27.37 -3.96 -32.14
C LYS D 172 28.03 -2.68 -32.65
N SER D 173 27.23 -1.68 -33.03
CA SER D 173 27.71 -0.40 -33.62
C SER D 173 26.76 0.75 -33.24
N ASN D 174 27.33 1.88 -32.81
CA ASN D 174 26.62 3.17 -32.64
C ASN D 174 26.43 3.80 -34.02
N SER D 175 25.47 4.72 -34.17
CA SER D 175 25.19 5.43 -35.44
C SER D 175 24.29 6.65 -35.18
N ALA D 176 24.60 7.76 -35.86
CA ALA D 176 23.80 9.01 -35.89
C ALA D 176 23.65 9.44 -37.34
N VAL D 177 22.57 10.19 -37.63
CA VAL D 177 22.23 10.66 -39.00
C VAL D 177 22.02 12.18 -38.95
N ALA D 178 22.35 12.88 -40.04
CA ALA D 178 22.08 14.31 -40.24
C ALA D 178 21.68 14.56 -41.70
N TRP D 179 20.84 15.58 -41.94
CA TRP D 179 20.38 16.00 -43.29
C TRP D 179 20.00 17.48 -43.28
N SER D 180 19.93 18.09 -44.47
CA SER D 180 19.58 19.52 -44.69
C SER D 180 18.09 19.64 -45.07
N ALA D 186 27.62 18.27 -48.41
CA ALA D 186 28.87 17.67 -47.87
C ALA D 186 28.61 17.13 -46.46
N CYS D 187 29.24 16.01 -46.12
CA CYS D 187 29.05 15.27 -44.84
C CYS D 187 30.12 15.67 -43.80
N ALA D 188 31.21 16.30 -44.26
CA ALA D 188 32.21 16.97 -43.40
C ALA D 188 31.53 18.12 -42.63
N ASN D 189 30.70 18.89 -43.34
CA ASN D 189 29.99 20.11 -42.84
C ASN D 189 29.16 19.76 -41.60
N ALA D 190 28.51 18.60 -41.59
CA ALA D 190 27.42 18.22 -40.65
C ALA D 190 27.95 17.91 -39.25
N PHE D 191 29.08 17.20 -39.15
CA PHE D 191 29.56 16.57 -37.89
C PHE D 191 30.89 17.20 -37.42
N ASN D 192 31.18 18.44 -37.83
CA ASN D 192 32.19 19.32 -37.17
C ASN D 192 31.56 19.93 -35.91
N ASN D 193 30.22 20.02 -35.91
CA ASN D 193 29.36 20.43 -34.77
C ASN D 193 29.70 19.56 -33.55
N SER D 194 29.67 18.24 -33.71
CA SER D 194 29.86 17.22 -32.64
C SER D 194 31.35 17.01 -32.36
N ILE D 195 31.67 16.21 -31.34
CA ILE D 195 33.07 15.88 -30.92
C ILE D 195 33.47 14.55 -31.58
N ILE D 196 33.76 14.59 -32.88
CA ILE D 196 34.19 13.41 -33.70
C ILE D 196 35.66 13.11 -33.40
N PRO D 197 36.05 11.82 -33.30
CA PRO D 197 37.47 11.45 -33.12
C PRO D 197 38.40 11.97 -34.24
N GLU D 198 39.71 11.86 -34.03
CA GLU D 198 40.77 12.37 -34.96
C GLU D 198 41.02 11.35 -36.07
N ASP D 199 40.60 10.08 -35.89
CA ASP D 199 40.86 8.95 -36.83
C ASP D 199 39.56 8.57 -37.55
N THR D 200 38.72 9.55 -37.89
CA THR D 200 37.42 9.36 -38.60
C THR D 200 37.68 9.30 -40.11
N PHE D 201 37.12 8.30 -40.80
CA PHE D 201 37.19 8.12 -42.28
C PHE D 201 36.08 8.96 -42.93
N PHE D 202 36.40 9.63 -44.05
CA PHE D 202 35.51 10.57 -44.80
C PHE D 202 35.56 10.28 -46.30
N PRO D 203 34.64 10.85 -47.11
CA PRO D 203 34.81 10.89 -48.56
C PRO D 203 35.93 11.85 -48.98
N VAL E 5 -6.47 -6.37 -18.79
CA VAL E 5 -6.64 -4.88 -18.78
C VAL E 5 -6.30 -4.33 -20.16
N THR E 6 -7.31 -3.89 -20.92
CA THR E 6 -7.17 -3.29 -22.28
C THR E 6 -7.67 -1.83 -22.23
N GLN E 7 -7.31 -1.05 -23.26
CA GLN E 7 -7.74 0.36 -23.43
C GLN E 7 -8.36 0.54 -24.83
N SER E 8 -9.40 1.38 -24.93
CA SER E 8 -10.18 1.70 -26.14
C SER E 8 -9.29 1.67 -27.39
N SER E 9 -8.32 2.60 -27.46
CA SER E 9 -7.37 2.78 -28.59
C SER E 9 -5.96 2.95 -28.05
N ARG E 10 -4.95 2.90 -28.94
CA ARG E 10 -3.51 3.04 -28.60
C ARG E 10 -3.02 4.44 -28.98
N TYR E 11 -3.57 5.02 -30.05
CA TYR E 11 -3.28 6.40 -30.52
C TYR E 11 -4.59 7.16 -30.77
N LEU E 12 -4.66 8.41 -30.31
CA LEU E 12 -5.78 9.36 -30.56
C LEU E 12 -5.21 10.73 -30.91
N VAL E 13 -5.74 11.38 -31.95
CA VAL E 13 -5.54 12.83 -32.20
C VAL E 13 -6.92 13.48 -32.21
N LYS E 14 -7.07 14.61 -31.50
CA LYS E 14 -8.38 15.25 -31.21
C LYS E 14 -8.22 16.77 -31.27
N ARG E 15 -9.25 17.48 -31.71
CA ARG E 15 -9.34 18.96 -31.64
C ARG E 15 -9.81 19.36 -30.24
N THR E 16 -9.38 20.52 -29.75
CA THR E 16 -9.77 21.03 -28.40
C THR E 16 -11.27 21.27 -28.41
N GLY E 17 -11.94 21.02 -27.27
CA GLY E 17 -13.39 21.22 -27.11
C GLY E 17 -14.20 19.99 -27.48
N GLU E 18 -13.55 18.90 -27.92
CA GLU E 18 -14.20 17.58 -28.13
C GLU E 18 -14.27 16.86 -26.78
N LYS E 19 -15.40 16.21 -26.50
CA LYS E 19 -15.57 15.32 -25.32
C LYS E 19 -14.98 13.94 -25.69
N VAL E 20 -13.76 13.66 -25.21
CA VAL E 20 -13.02 12.40 -25.52
C VAL E 20 -13.34 11.35 -24.45
N PHE E 21 -13.63 10.13 -24.88
CA PHE E 21 -13.97 8.95 -24.03
C PHE E 21 -12.89 7.87 -24.18
N LEU E 22 -11.87 7.89 -23.31
CA LEU E 22 -10.89 6.78 -23.17
C LEU E 22 -11.52 5.68 -22.31
N GLU E 23 -11.77 4.50 -22.88
CA GLU E 23 -12.37 3.35 -22.16
C GLU E 23 -11.27 2.43 -21.66
N CYS E 24 -11.51 1.74 -20.54
CA CYS E 24 -10.62 0.71 -19.97
C CYS E 24 -11.45 -0.46 -19.42
N VAL E 25 -11.17 -1.67 -19.89
CA VAL E 25 -11.95 -2.90 -19.56
C VAL E 25 -11.00 -3.96 -19.01
N GLN E 26 -11.52 -4.82 -18.13
CA GLN E 26 -10.81 -5.99 -17.54
C GLN E 26 -11.84 -7.06 -17.19
N ASP E 27 -11.56 -8.32 -17.56
CA ASP E 27 -12.43 -9.49 -17.29
C ASP E 27 -11.88 -10.27 -16.08
N MET E 28 -11.12 -9.58 -15.22
CA MET E 28 -10.40 -10.18 -14.05
C MET E 28 -11.20 -9.94 -12.76
N ASP E 29 -12.41 -9.36 -12.87
CA ASP E 29 -13.37 -9.18 -11.74
C ASP E 29 -12.77 -8.26 -10.67
N HIS E 30 -11.91 -7.32 -11.05
CA HIS E 30 -11.25 -6.35 -10.14
C HIS E 30 -12.25 -5.25 -9.76
N GLU E 31 -12.28 -4.91 -8.46
CA GLU E 31 -13.09 -3.81 -7.97
C GLU E 31 -12.33 -2.49 -8.17
N ASN E 32 -11.12 -2.38 -7.59
CA ASN E 32 -10.21 -1.22 -7.74
C ASN E 32 -9.92 -1.02 -9.24
N MET E 33 -10.03 0.22 -9.73
CA MET E 33 -9.61 0.62 -11.09
C MET E 33 -9.08 2.06 -11.04
N PHE E 34 -8.05 2.34 -11.84
CA PHE E 34 -7.27 3.61 -11.81
C PHE E 34 -7.20 4.20 -13.23
N TRP E 35 -7.22 5.53 -13.32
CA TRP E 35 -6.80 6.27 -14.54
C TRP E 35 -5.61 7.16 -14.20
N TYR E 36 -4.45 6.79 -14.76
CA TYR E 36 -3.16 7.54 -14.66
C TYR E 36 -2.91 8.26 -15.98
N ARG E 37 -2.02 9.26 -15.96
CA ARG E 37 -1.35 9.82 -17.17
C ARG E 37 0.14 9.97 -16.87
N GLN E 38 0.99 9.63 -17.83
CA GLN E 38 2.47 9.63 -17.69
C GLN E 38 3.04 10.69 -18.64
N ASP E 39 3.55 11.79 -18.08
CA ASP E 39 4.26 12.86 -18.83
C ASP E 39 5.73 12.78 -18.46
N PRO E 40 6.66 13.12 -19.39
CA PRO E 40 8.09 13.08 -19.08
C PRO E 40 8.42 13.97 -17.88
N GLY E 41 9.30 13.49 -16.99
CA GLY E 41 9.75 14.22 -15.79
C GLY E 41 8.89 13.94 -14.56
N LEU E 42 7.56 13.84 -14.74
CA LEU E 42 6.57 13.69 -13.65
C LEU E 42 6.25 12.22 -13.40
N GLY E 43 6.50 11.33 -14.37
CA GLY E 43 6.06 9.93 -14.33
C GLY E 43 4.55 9.81 -14.18
N LEU E 44 4.06 8.72 -13.59
CA LEU E 44 2.60 8.44 -13.46
C LEU E 44 2.00 9.36 -12.39
N ARG E 45 0.82 9.92 -12.68
CA ARG E 45 0.02 10.76 -11.76
C ARG E 45 -1.45 10.33 -11.88
N LEU E 46 -2.11 10.13 -10.73
CA LEU E 46 -3.49 9.60 -10.64
C LEU E 46 -4.48 10.72 -10.99
N ILE E 47 -5.36 10.47 -11.96
CA ILE E 47 -6.48 11.37 -12.35
C ILE E 47 -7.67 11.05 -11.47
N TYR E 48 -8.13 9.79 -11.50
CA TYR E 48 -9.29 9.29 -10.71
C TYR E 48 -9.05 7.84 -10.28
N PHE E 49 -9.70 7.46 -9.19
CA PHE E 49 -9.67 6.09 -8.59
C PHE E 49 -11.10 5.65 -8.26
N SER E 50 -11.58 4.62 -8.96
CA SER E 50 -12.86 3.93 -8.65
C SER E 50 -12.56 2.68 -7.82
N TYR E 51 -12.89 2.72 -6.53
CA TYR E 51 -12.58 1.66 -5.52
C TYR E 51 -13.39 0.40 -5.81
N ASP E 52 -14.68 0.57 -6.12
CA ASP E 52 -15.64 -0.50 -6.49
C ASP E 52 -16.60 0.10 -7.50
N VAL E 53 -17.55 -0.71 -7.99
CA VAL E 53 -18.53 -0.27 -8.95
C VAL E 53 -19.30 0.93 -8.38
N LYS E 54 -19.48 1.98 -9.20
CA LYS E 54 -20.33 3.17 -8.92
C LYS E 54 -19.67 4.04 -7.83
N MET E 55 -18.34 3.94 -7.66
CA MET E 55 -17.56 4.78 -6.71
C MET E 55 -16.53 5.59 -7.50
N LYS E 56 -16.14 6.76 -6.96
CA LYS E 56 -15.20 7.73 -7.59
C LYS E 56 -14.42 8.45 -6.49
N GLU E 57 -13.11 8.60 -6.66
CA GLU E 57 -12.23 9.42 -5.79
C GLU E 57 -11.31 10.28 -6.67
N LYS E 58 -11.24 11.58 -6.38
CA LYS E 58 -10.31 12.54 -7.04
C LYS E 58 -8.87 12.10 -6.76
N GLY E 59 -8.03 12.10 -7.80
CA GLY E 59 -6.60 11.78 -7.72
C GLY E 59 -5.77 13.03 -7.46
N ASP E 60 -4.53 13.05 -7.93
CA ASP E 60 -3.60 14.21 -7.79
C ASP E 60 -3.99 15.30 -8.79
N ILE E 61 -4.61 14.93 -9.92
CA ILE E 61 -4.93 15.85 -11.05
C ILE E 61 -6.28 15.48 -11.64
N PRO E 62 -7.39 15.70 -10.90
CA PRO E 62 -8.72 15.39 -11.42
C PRO E 62 -9.34 16.44 -12.33
N GLU E 63 -8.73 17.64 -12.39
CA GLU E 63 -9.33 18.79 -13.03
C GLU E 63 -9.33 18.57 -14.55
N GLY E 64 -10.46 18.83 -15.20
CA GLY E 64 -10.65 18.69 -16.66
C GLY E 64 -11.16 17.30 -17.04
N TYR E 65 -11.04 16.32 -16.15
CA TYR E 65 -11.45 14.91 -16.36
C TYR E 65 -12.68 14.60 -15.50
N SER E 66 -13.59 13.77 -16.03
CA SER E 66 -14.67 13.06 -15.30
C SER E 66 -14.47 11.55 -15.50
N VAL E 67 -15.22 10.73 -14.76
CA VAL E 67 -15.18 9.24 -14.88
C VAL E 67 -16.59 8.66 -14.68
N SER E 68 -16.90 7.61 -15.42
CA SER E 68 -18.08 6.73 -15.23
C SER E 68 -17.59 5.37 -14.73
N ARG E 69 -18.27 4.78 -13.74
CA ARG E 69 -18.06 3.38 -13.29
C ARG E 69 -19.45 2.78 -12.96
N GLU E 70 -20.26 2.57 -14.00
CA GLU E 70 -21.62 1.99 -13.86
C GLU E 70 -21.54 0.47 -13.82
N LYS E 71 -20.70 -0.10 -14.67
CA LYS E 71 -20.39 -1.52 -14.61
C LYS E 71 -19.03 -1.69 -13.90
N LYS E 72 -18.75 -2.90 -13.43
CA LYS E 72 -17.53 -3.26 -12.66
C LYS E 72 -16.36 -3.47 -13.60
N GLU E 73 -16.59 -4.05 -14.78
CA GLU E 73 -15.53 -4.50 -15.72
C GLU E 73 -15.07 -3.33 -16.60
N ARG E 74 -15.73 -2.17 -16.54
CA ARG E 74 -15.40 -0.97 -17.36
C ARG E 74 -15.26 0.26 -16.46
N PHE E 75 -14.13 0.97 -16.58
CA PHE E 75 -13.87 2.30 -15.99
C PHE E 75 -13.58 3.26 -17.15
N SER E 76 -14.37 4.33 -17.24
CA SER E 76 -14.45 5.26 -18.39
C SER E 76 -13.85 6.62 -17.99
N LEU E 77 -12.74 7.02 -18.61
CA LEU E 77 -12.14 8.38 -18.47
C LEU E 77 -12.78 9.30 -19.50
N ILE E 78 -13.10 10.54 -19.11
CA ILE E 78 -13.79 11.54 -19.96
C ILE E 78 -13.02 12.87 -19.87
N LEU E 79 -12.50 13.35 -21.01
CA LEU E 79 -12.00 14.74 -21.16
C LEU E 79 -13.21 15.63 -21.48
N GLU E 80 -13.77 16.28 -20.45
CA GLU E 80 -15.07 17.01 -20.53
C GLU E 80 -15.03 17.94 -21.74
N SER E 81 -13.99 18.76 -21.82
CA SER E 81 -13.56 19.55 -23.00
C SER E 81 -12.04 19.34 -23.19
N ALA E 82 -11.65 18.81 -24.35
CA ALA E 82 -10.23 18.55 -24.71
C ALA E 82 -9.46 19.87 -24.74
N SER E 83 -8.16 19.79 -24.45
CA SER E 83 -7.22 20.94 -24.41
C SER E 83 -5.78 20.42 -24.57
N THR E 84 -4.89 21.23 -25.16
CA THR E 84 -3.47 20.88 -25.46
C THR E 84 -2.80 20.30 -24.21
N ASN E 85 -3.13 20.84 -23.03
CA ASN E 85 -2.51 20.45 -21.73
C ASN E 85 -2.94 19.03 -21.32
N GLN E 86 -3.77 18.35 -22.12
CA GLN E 86 -4.20 16.94 -21.89
C GLN E 86 -3.53 16.02 -22.91
N THR E 87 -2.58 16.53 -23.71
CA THR E 87 -1.73 15.71 -24.61
C THR E 87 -0.76 14.89 -23.74
N SER E 88 -1.00 13.59 -23.60
CA SER E 88 -0.26 12.72 -22.64
C SER E 88 -0.40 11.23 -23.02
N MET E 89 0.45 10.42 -22.39
CA MET E 89 0.33 8.94 -22.29
C MET E 89 -0.67 8.63 -21.17
N TYR E 90 -1.75 7.92 -21.49
CA TYR E 90 -2.82 7.57 -20.52
C TYR E 90 -2.76 6.07 -20.22
N LEU E 91 -2.58 5.71 -18.95
CA LEU E 91 -2.44 4.30 -18.48
C LEU E 91 -3.61 3.95 -17.55
N CYS E 92 -4.28 2.84 -17.84
CA CYS E 92 -5.31 2.22 -16.97
C CYS E 92 -4.66 1.13 -16.10
N ALA E 93 -5.27 0.84 -14.95
CA ALA E 93 -4.83 -0.23 -14.02
C ALA E 93 -6.03 -0.76 -13.22
N SER E 94 -5.88 -1.92 -12.59
CA SER E 94 -6.94 -2.59 -11.79
C SER E 94 -6.32 -3.58 -10.78
N SER E 95 -6.65 -3.40 -9.50
CA SER E 95 -6.31 -4.33 -8.39
C SER E 95 -7.62 -4.88 -7.79
N PHE E 96 -7.51 -5.80 -6.83
CA PHE E 96 -8.67 -6.34 -6.06
C PHE E 96 -8.93 -5.46 -4.84
N LEU E 97 -10.07 -5.71 -4.19
CA LEU E 97 -10.40 -5.38 -2.78
C LEU E 97 -9.72 -6.40 -1.87
N MET E 98 -9.39 -6.00 -0.64
CA MET E 98 -8.79 -6.86 0.41
C MET E 98 -9.59 -8.16 0.55
N THR E 99 -10.91 -8.11 0.37
CA THR E 99 -11.84 -9.25 0.61
C THR E 99 -11.91 -10.17 -0.61
N SER E 100 -11.55 -9.64 -1.79
CA SER E 100 -11.65 -10.38 -3.05
C SER E 100 -10.33 -11.09 -3.36
N GLY E 101 -9.22 -10.38 -3.23
CA GLY E 101 -7.91 -10.95 -3.51
C GLY E 101 -6.78 -10.13 -2.90
N ASP E 102 -5.57 -10.21 -3.47
CA ASP E 102 -4.41 -9.40 -3.06
C ASP E 102 -4.69 -7.95 -3.45
N PRO E 103 -4.97 -7.06 -2.47
CA PRO E 103 -5.41 -5.70 -2.77
C PRO E 103 -4.33 -4.82 -3.39
N TYR E 104 -3.06 -5.24 -3.29
CA TYR E 104 -1.85 -4.44 -3.65
C TYR E 104 -1.24 -4.90 -4.98
N GLU E 105 -1.78 -5.94 -5.61
CA GLU E 105 -1.29 -6.42 -6.94
C GLU E 105 -2.00 -5.64 -8.05
N GLN E 106 -1.45 -4.47 -8.42
CA GLN E 106 -1.97 -3.56 -9.48
C GLN E 106 -1.53 -4.09 -10.85
N TYR E 107 -2.49 -4.35 -11.75
CA TYR E 107 -2.28 -4.80 -13.15
C TYR E 107 -2.54 -3.61 -14.09
N PHE E 108 -1.61 -3.36 -15.02
CA PHE E 108 -1.62 -2.17 -15.93
C PHE E 108 -2.06 -2.55 -17.34
N GLY E 109 -2.74 -1.62 -18.01
CA GLY E 109 -3.09 -1.69 -19.44
C GLY E 109 -1.90 -1.27 -20.31
N PRO E 110 -2.02 -1.33 -21.66
CA PRO E 110 -0.91 -1.05 -22.55
C PRO E 110 -0.54 0.44 -22.64
N GLY E 111 -1.53 1.31 -22.45
CA GLY E 111 -1.34 2.78 -22.49
C GLY E 111 -1.88 3.36 -23.79
N THR E 112 -2.24 4.64 -23.78
CA THR E 112 -2.89 5.35 -24.91
C THR E 112 -2.21 6.71 -25.10
N ARG E 113 -1.70 6.96 -26.31
CA ARG E 113 -1.06 8.25 -26.71
C ARG E 113 -2.13 9.16 -27.32
N LEU E 114 -2.58 10.16 -26.56
CA LEU E 114 -3.59 11.17 -27.01
C LEU E 114 -2.88 12.52 -27.18
N THR E 115 -2.87 13.04 -28.42
CA THR E 115 -2.43 14.42 -28.76
C THR E 115 -3.69 15.28 -28.98
N VAL E 116 -3.88 16.31 -28.16
CA VAL E 116 -4.96 17.32 -28.35
C VAL E 116 -4.34 18.55 -29.03
N THR E 117 -4.93 18.97 -30.15
CA THR E 117 -4.50 20.14 -30.97
C THR E 117 -5.72 21.04 -31.20
N GLU E 118 -5.50 22.36 -31.23
CA GLU E 118 -6.56 23.40 -31.36
C GLU E 118 -7.21 23.33 -32.75
N ASP E 119 -6.53 22.72 -33.73
CA ASP E 119 -6.94 22.66 -35.15
C ASP E 119 -6.34 21.39 -35.78
N LEU E 120 -7.18 20.51 -36.34
CA LEU E 120 -6.73 19.24 -36.98
C LEU E 120 -6.00 19.54 -38.29
N LYS E 121 -6.06 20.79 -38.78
CA LYS E 121 -5.13 21.36 -39.79
C LYS E 121 -3.73 20.77 -39.59
N ASN E 122 -3.23 20.85 -38.36
CA ASN E 122 -1.81 20.61 -38.00
C ASN E 122 -1.45 19.14 -38.21
N VAL E 123 -2.45 18.26 -38.42
CA VAL E 123 -2.28 16.80 -38.61
C VAL E 123 -1.78 16.55 -40.05
N PHE E 124 -0.55 16.02 -40.19
CA PHE E 124 0.07 15.64 -41.49
C PHE E 124 0.60 14.21 -41.40
N PRO E 125 0.54 13.42 -42.49
CA PRO E 125 1.22 12.13 -42.55
C PRO E 125 2.69 12.27 -42.93
N PRO E 126 3.52 11.24 -42.67
CA PRO E 126 4.95 11.30 -42.97
C PRO E 126 5.26 11.15 -44.46
N GLU E 127 6.34 11.80 -44.92
CA GLU E 127 7.01 11.52 -46.22
C GLU E 127 8.24 10.64 -45.90
N VAL E 128 8.28 9.44 -46.48
CA VAL E 128 9.26 8.37 -46.11
C VAL E 128 10.22 8.13 -47.28
N ALA E 129 11.50 7.87 -46.99
CA ALA E 129 12.59 7.72 -47.98
C ALA E 129 13.68 6.78 -47.42
N VAL E 130 14.10 5.80 -48.22
CA VAL E 130 15.24 4.89 -47.93
C VAL E 130 16.48 5.41 -48.69
N PHE E 131 17.62 5.49 -48.00
CA PHE E 131 18.92 5.91 -48.57
C PHE E 131 19.87 4.70 -48.55
N GLU E 132 20.56 4.46 -49.68
CA GLU E 132 21.28 3.19 -49.95
C GLU E 132 22.68 3.25 -49.31
N PRO E 133 23.25 2.08 -48.91
CA PRO E 133 24.59 2.02 -48.34
C PRO E 133 25.64 2.73 -49.21
N SER E 134 26.56 3.45 -48.57
CA SER E 134 27.75 4.08 -49.19
C SER E 134 28.67 2.96 -49.74
N GLU E 135 29.21 3.15 -50.95
CA GLU E 135 30.25 2.27 -51.55
C GLU E 135 31.51 2.34 -50.68
N ALA E 136 31.79 3.51 -50.09
CA ALA E 136 32.86 3.75 -49.11
C ALA E 136 32.73 2.73 -47.96
N GLU E 137 31.58 2.73 -47.28
CA GLU E 137 31.28 1.86 -46.11
C GLU E 137 31.53 0.39 -46.48
N ILE E 138 31.01 -0.04 -47.63
CA ILE E 138 31.07 -1.45 -48.11
C ILE E 138 32.54 -1.91 -48.14
N SER E 139 33.38 -1.24 -48.95
CA SER E 139 34.81 -1.56 -49.14
C SER E 139 35.61 -1.37 -47.85
N HIS E 140 35.15 -0.48 -46.95
CA HIS E 140 35.84 -0.11 -45.69
C HIS E 140 35.57 -1.16 -44.60
N THR E 141 34.30 -1.50 -44.35
CA THR E 141 33.83 -2.29 -43.18
C THR E 141 33.30 -3.68 -43.59
N GLN E 142 33.21 -3.99 -44.88
CA GLN E 142 32.58 -5.24 -45.41
C GLN E 142 31.13 -5.31 -44.89
N LYS E 143 30.46 -4.16 -44.77
CA LYS E 143 29.10 -4.00 -44.19
C LYS E 143 28.38 -2.84 -44.90
N ALA E 144 27.04 -2.92 -44.94
CA ALA E 144 26.16 -2.00 -45.70
C ALA E 144 25.01 -1.54 -44.80
N THR E 145 24.93 -0.22 -44.55
CA THR E 145 23.93 0.41 -43.63
C THR E 145 22.90 1.21 -44.44
N LEU E 146 21.70 0.66 -44.61
CA LEU E 146 20.51 1.39 -45.11
C LEU E 146 20.03 2.34 -44.01
N VAL E 147 19.70 3.59 -44.36
CA VAL E 147 19.03 4.56 -43.47
C VAL E 147 17.61 4.79 -44.01
N CYS E 148 16.69 5.20 -43.15
CA CYS E 148 15.30 5.55 -43.52
C CYS E 148 14.90 6.85 -42.82
N LEU E 149 14.24 7.76 -43.53
CA LEU E 149 13.76 9.06 -42.98
C LEU E 149 12.25 9.18 -43.17
N ALA E 150 11.53 9.41 -42.07
CA ALA E 150 10.15 9.92 -42.02
C ALA E 150 10.21 11.39 -41.58
N THR E 151 9.58 12.29 -42.33
CA THR E 151 9.65 13.76 -42.10
C THR E 151 8.25 14.39 -42.25
N GLY E 152 8.06 15.53 -41.59
CA GLY E 152 6.87 16.40 -41.70
C GLY E 152 5.60 15.68 -41.28
N PHE E 153 5.64 14.89 -40.20
CA PHE E 153 4.45 14.18 -39.66
C PHE E 153 4.08 14.78 -38.29
N TYR E 154 2.77 14.95 -38.08
CA TYR E 154 2.12 15.33 -36.80
C TYR E 154 0.77 14.61 -36.71
N PRO E 155 0.38 14.05 -35.54
CA PRO E 155 1.20 14.07 -34.34
C PRO E 155 2.36 13.07 -34.36
N ASP E 156 3.11 13.00 -33.26
CA ASP E 156 4.25 12.07 -33.02
C ASP E 156 3.71 10.66 -32.76
N HIS E 157 2.91 10.10 -33.69
CA HIS E 157 2.30 8.76 -33.58
C HIS E 157 2.69 7.91 -34.80
N VAL E 158 3.87 7.30 -34.79
CA VAL E 158 4.39 6.46 -35.91
C VAL E 158 5.07 5.20 -35.37
N GLU E 159 5.08 4.13 -36.17
CA GLU E 159 5.81 2.87 -35.91
C GLU E 159 6.63 2.50 -37.16
N LEU E 160 7.96 2.63 -37.07
CA LEU E 160 8.90 2.30 -38.18
C LEU E 160 9.26 0.82 -38.08
N SER E 161 9.26 0.14 -39.22
CA SER E 161 9.52 -1.33 -39.33
C SER E 161 10.29 -1.61 -40.61
N TRP E 162 11.39 -2.37 -40.51
CA TRP E 162 12.19 -2.83 -41.66
C TRP E 162 11.68 -4.20 -42.10
N TRP E 163 11.36 -4.34 -43.39
CA TRP E 163 10.91 -5.61 -44.02
C TRP E 163 11.94 -6.04 -45.07
N VAL E 164 12.51 -7.23 -44.90
CA VAL E 164 13.53 -7.85 -45.79
C VAL E 164 12.92 -9.11 -46.41
N ASN E 165 12.60 -9.08 -47.70
CA ASN E 165 11.92 -10.19 -48.44
C ASN E 165 10.55 -10.45 -47.78
N GLY E 166 9.81 -9.38 -47.46
CA GLY E 166 8.47 -9.44 -46.82
C GLY E 166 8.50 -10.08 -45.45
N LYS E 167 9.64 -9.99 -44.74
CA LYS E 167 9.81 -10.49 -43.34
C LYS E 167 10.25 -9.34 -42.44
N GLU E 168 9.55 -9.12 -41.32
CA GLU E 168 9.89 -8.09 -40.31
C GLU E 168 11.17 -8.52 -39.58
N VAL E 169 12.30 -7.90 -39.94
CA VAL E 169 13.63 -8.12 -39.27
C VAL E 169 13.71 -7.20 -38.05
N HIS E 170 14.13 -7.74 -36.91
CA HIS E 170 14.30 -7.00 -35.63
C HIS E 170 15.78 -6.75 -35.35
N SER E 171 16.69 -7.59 -35.88
CA SER E 171 18.15 -7.53 -35.63
C SER E 171 18.85 -6.74 -36.75
N GLY E 172 19.99 -6.13 -36.44
CA GLY E 172 20.73 -5.20 -37.33
C GLY E 172 19.98 -3.89 -37.48
N VAL E 173 19.02 -3.61 -36.61
CA VAL E 173 18.05 -2.48 -36.73
C VAL E 173 18.24 -1.51 -35.57
N CYS E 174 17.97 -0.23 -35.84
CA CYS E 174 18.17 0.93 -34.93
C CYS E 174 17.19 2.03 -35.33
N THR E 175 16.30 2.44 -34.43
CA THR E 175 15.33 3.55 -34.66
C THR E 175 15.49 4.58 -33.55
N ASP E 176 15.67 5.85 -33.91
CA ASP E 176 15.80 6.97 -32.93
C ASP E 176 14.80 6.74 -31.80
N PRO E 177 15.22 6.85 -30.51
CA PRO E 177 14.29 6.68 -29.39
C PRO E 177 13.21 7.77 -29.46
N GLN E 178 13.64 9.03 -29.52
CA GLN E 178 12.80 10.22 -29.75
C GLN E 178 12.79 10.54 -31.24
N PRO E 179 11.68 11.07 -31.80
CA PRO E 179 11.73 11.79 -33.08
C PRO E 179 12.11 13.25 -32.83
N LEU E 180 12.68 13.92 -33.85
CA LEU E 180 13.08 15.36 -33.81
C LEU E 180 11.86 16.25 -34.01
N LYS E 181 11.79 17.37 -33.30
CA LYS E 181 10.93 18.54 -33.66
C LYS E 181 11.55 19.18 -34.90
N GLU E 182 10.74 19.42 -35.95
CA GLU E 182 11.23 20.03 -37.22
C GLU E 182 11.41 21.54 -37.01
N GLN E 183 10.50 22.16 -36.25
CA GLN E 183 10.57 23.60 -35.85
C GLN E 183 10.39 23.72 -34.34
N PRO E 184 11.47 23.55 -33.55
CA PRO E 184 11.37 23.62 -32.08
C PRO E 184 10.60 24.83 -31.52
N ALA E 185 10.49 25.92 -32.29
CA ALA E 185 9.79 27.18 -31.95
C ALA E 185 8.29 26.94 -31.69
N LEU E 186 7.62 26.20 -32.58
CA LEU E 186 6.17 25.87 -32.49
C LEU E 186 5.95 24.77 -31.43
N ASN E 187 4.72 24.67 -30.92
CA ASN E 187 4.26 23.58 -30.02
C ASN E 187 3.32 22.64 -30.77
N ASP E 188 2.94 23.00 -32.01
CA ASP E 188 2.27 22.10 -32.99
C ASP E 188 3.22 21.89 -34.18
N SER E 189 4.53 21.88 -33.90
CA SER E 189 5.63 21.55 -34.85
C SER E 189 5.47 20.11 -35.35
N ARG E 190 5.70 19.91 -36.65
CA ARG E 190 5.76 18.57 -37.30
C ARG E 190 7.09 17.91 -36.88
N TYR E 191 7.17 16.58 -36.96
CA TYR E 191 8.29 15.76 -36.44
C TYR E 191 9.04 15.05 -37.58
N ALA E 192 10.21 14.50 -37.24
CA ALA E 192 11.08 13.67 -38.12
C ALA E 192 11.62 12.47 -37.32
N LEU E 193 11.88 11.34 -37.98
CA LEU E 193 12.39 10.10 -37.34
C LEU E 193 13.24 9.31 -38.35
N SER E 194 14.46 8.96 -37.97
CA SER E 194 15.40 8.13 -38.77
C SER E 194 15.46 6.70 -38.18
N SER E 195 15.91 5.74 -38.98
CA SER E 195 16.19 4.34 -38.56
C SER E 195 17.25 3.74 -39.49
N ARG E 196 18.12 2.88 -38.95
CA ARG E 196 19.22 2.22 -39.71
C ARG E 196 18.98 0.69 -39.72
N LEU E 197 19.18 0.07 -40.87
CA LEU E 197 19.27 -1.40 -41.03
C LEU E 197 20.66 -1.72 -41.59
N ARG E 198 21.40 -2.62 -40.94
CA ARG E 198 22.77 -3.00 -41.33
C ARG E 198 22.80 -4.51 -41.60
N VAL E 199 23.39 -4.89 -42.74
CA VAL E 199 23.52 -6.30 -43.21
C VAL E 199 24.92 -6.47 -43.82
N SER E 200 25.37 -7.71 -44.00
CA SER E 200 26.67 -8.05 -44.63
C SER E 200 26.71 -7.42 -46.03
N ALA E 201 27.90 -7.02 -46.49
CA ALA E 201 28.11 -6.39 -47.80
C ALA E 201 27.59 -7.31 -48.92
N THR E 202 27.82 -8.63 -48.79
CA THR E 202 27.45 -9.67 -49.78
C THR E 202 25.92 -9.81 -49.86
N PHE E 203 25.22 -9.68 -48.73
CA PHE E 203 23.75 -9.80 -48.61
C PHE E 203 23.07 -8.62 -49.33
N TRP E 204 23.59 -7.41 -49.15
CA TRP E 204 23.08 -6.16 -49.80
C TRP E 204 23.42 -6.16 -51.29
N GLN E 205 24.63 -6.59 -51.67
CA GLN E 205 25.12 -6.59 -53.07
C GLN E 205 24.24 -7.50 -53.94
N ASP E 206 23.74 -8.60 -53.38
CA ASP E 206 22.84 -9.58 -54.05
C ASP E 206 21.54 -8.88 -54.45
N PRO E 207 21.21 -8.77 -55.77
CA PRO E 207 19.97 -8.13 -56.19
C PRO E 207 18.71 -9.00 -56.00
N ARG E 208 18.83 -10.16 -55.36
CA ARG E 208 17.69 -11.05 -55.00
C ARG E 208 16.95 -10.50 -53.77
N ASN E 209 17.60 -9.66 -52.97
CA ASN E 209 17.08 -9.19 -51.65
C ASN E 209 16.33 -7.86 -51.85
N HIS E 210 15.08 -7.81 -51.35
CA HIS E 210 14.23 -6.58 -51.30
C HIS E 210 14.31 -5.96 -49.90
N PHE E 211 14.51 -4.65 -49.83
CA PHE E 211 14.54 -3.87 -48.57
C PHE E 211 13.44 -2.80 -48.63
N ARG E 212 12.58 -2.76 -47.59
CA ARG E 212 11.46 -1.79 -47.47
C ARG E 212 11.43 -1.24 -46.04
N CYS E 213 11.45 0.09 -45.92
CA CYS E 213 11.15 0.86 -44.68
C CYS E 213 9.65 1.17 -44.67
N GLN E 214 8.94 0.71 -43.64
CA GLN E 214 7.47 0.90 -43.46
C GLN E 214 7.23 1.78 -42.22
N VAL E 215 6.49 2.88 -42.39
CA VAL E 215 6.10 3.81 -41.29
C VAL E 215 4.58 3.83 -41.19
N GLN E 216 4.04 3.25 -40.10
CA GLN E 216 2.59 3.28 -39.76
C GLN E 216 2.28 4.58 -39.01
N PHE E 217 1.60 5.51 -39.68
CA PHE E 217 1.15 6.81 -39.10
C PHE E 217 -0.27 6.63 -38.53
N TYR E 218 -0.57 7.30 -37.42
CA TYR E 218 -1.90 7.26 -36.73
C TYR E 218 -2.47 8.69 -36.71
N GLY E 219 -3.44 8.95 -37.59
CA GLY E 219 -4.05 10.28 -37.80
C GLY E 219 -5.57 10.24 -37.67
N LEU E 220 -6.28 10.93 -38.56
CA LEU E 220 -7.75 11.08 -38.52
C LEU E 220 -8.41 9.76 -38.90
N SER E 221 -9.57 9.45 -38.30
CA SER E 221 -10.44 8.32 -38.69
C SER E 221 -11.35 8.76 -39.84
N GLU E 222 -12.30 7.92 -40.24
CA GLU E 222 -13.34 8.25 -41.26
C GLU E 222 -14.44 9.10 -40.59
N ASN E 223 -14.47 9.15 -39.26
CA ASN E 223 -15.51 9.86 -38.45
C ASN E 223 -15.18 11.35 -38.31
N ASP E 224 -13.93 11.76 -38.57
CA ASP E 224 -13.44 13.15 -38.37
C ASP E 224 -13.78 14.01 -39.60
N GLU E 225 -14.13 15.28 -39.38
CA GLU E 225 -14.45 16.28 -40.45
C GLU E 225 -13.15 16.69 -41.15
N TRP E 226 -13.24 17.11 -42.40
CA TRP E 226 -12.08 17.64 -43.19
C TRP E 226 -12.59 18.61 -44.27
N THR E 227 -12.15 19.87 -44.20
CA THR E 227 -12.53 20.98 -45.12
C THR E 227 -11.34 21.37 -46.02
N GLN E 228 -10.11 21.04 -45.61
CA GLN E 228 -8.84 21.51 -46.24
C GLN E 228 -8.70 20.91 -47.66
N ASP E 229 -7.76 21.45 -48.44
CA ASP E 229 -7.55 21.11 -49.88
C ASP E 229 -6.82 19.77 -50.01
N ARG E 230 -5.67 19.63 -49.35
CA ARG E 230 -4.78 18.44 -49.42
C ARG E 230 -5.51 17.20 -48.91
N ALA E 231 -5.02 16.01 -49.26
CA ALA E 231 -5.60 14.70 -48.90
C ALA E 231 -5.80 14.64 -47.38
N LYS E 232 -6.94 14.11 -46.94
CA LYS E 232 -7.29 13.90 -45.51
C LYS E 232 -6.13 13.14 -44.85
N PRO E 233 -5.53 13.68 -43.76
CA PRO E 233 -4.37 13.05 -43.13
C PRO E 233 -4.79 11.89 -42.19
N VAL E 234 -5.40 10.87 -42.77
CA VAL E 234 -5.95 9.68 -42.03
C VAL E 234 -4.80 8.73 -41.70
N THR E 235 -5.05 7.80 -40.77
CA THR E 235 -4.15 6.65 -40.47
C THR E 235 -3.81 5.95 -41.79
N GLN E 236 -2.53 5.62 -41.99
CA GLN E 236 -2.02 5.08 -43.27
C GLN E 236 -0.58 4.59 -43.08
N ILE E 237 -0.14 3.70 -43.97
CA ILE E 237 1.27 3.24 -44.09
C ILE E 237 1.91 4.02 -45.24
N VAL E 238 3.07 4.63 -44.99
CA VAL E 238 3.91 5.33 -46.00
C VAL E 238 5.23 4.57 -46.06
N SER E 239 5.58 4.02 -47.23
CA SER E 239 6.74 3.14 -47.45
C SER E 239 7.72 3.77 -48.45
N ALA E 240 9.00 3.44 -48.29
CA ALA E 240 10.07 3.62 -49.29
C ALA E 240 10.83 2.29 -49.39
N GLU E 241 11.42 1.99 -50.55
CA GLU E 241 12.03 0.66 -50.83
C GLU E 241 13.38 0.81 -51.54
N ALA E 242 14.08 -0.31 -51.68
CA ALA E 242 15.36 -0.46 -52.43
C ALA E 242 15.70 -1.95 -52.55
N TRP E 243 16.23 -2.37 -53.71
CA TRP E 243 16.82 -3.72 -53.94
C TRP E 243 18.35 -3.60 -53.90
N GLY E 244 19.05 -4.74 -53.80
CA GLY E 244 20.52 -4.82 -53.91
C GLY E 244 21.00 -4.51 -55.31
N ARG E 245 22.26 -4.09 -55.48
CA ARG E 245 22.82 -3.57 -56.76
C ARG E 245 24.15 -4.28 -57.09
N ALA E 246 24.39 -4.56 -58.37
CA ALA E 246 25.60 -5.22 -58.90
C ALA E 246 26.76 -4.21 -58.95
#